data_8F96
#
_entry.id   8F96
#
_cell.length_a   101.333
_cell.length_b   101.333
_cell.length_c   321.538
_cell.angle_alpha   90.00
_cell.angle_beta   90.00
_cell.angle_gamma   120.00
#
_symmetry.space_group_name_H-M   'P 61'
#
loop_
_entity.id
_entity.type
_entity.pdbx_description
1 polymer Procaspase-6
2 non-polymer 5-fluoro-2-({[(3M)-3-(pyrimidin-4-yl)pyridin-2-yl]amino}methyl)phenol
3 water water
#
_entity_poly.entity_id   1
_entity_poly.type   'polypeptide(L)'
_entity_poly.pdbx_seq_one_letter_code
;MSSASGLRRGHPAGGEENMTETDAFYKREMFDPAEKYKMDHRRRGIALIFNHERFFWHLTLPERRGTCADRDNLTRRFSD
LGFEVKCFNDLKAEELLLKIHEVSTVSHADADCFVCVFLSHGEGNHIYAYDAKIEIQTLTGLFKGDKCHSLVGKPKIFII
QAARGNQHDVPVIPLDVVDNQTEKLDTNITEVDAASVYTLPAGADFLMCYSVAEGYYSHRETVNGSWYIQDLCEMLGKYG
SSLEFTELLTLVNRKVSQRRVDFCKDPSAIGKKQVPCFASMLTKKLHFFPKSNENLYFQ
;
_entity_poly.pdbx_strand_id   A,B,C,D
#
loop_
_chem_comp.id
_chem_comp.type
_chem_comp.name
_chem_comp.formula
XLW non-polymer 5-fluoro-2-({[(3M)-3-(pyrimidin-4-yl)pyridin-2-yl]amino}methyl)phenol 'C16 H13 F N4 O'
#
# COMPACT_ATOMS: atom_id res chain seq x y z
N MET A 30 31.01 29.56 -10.57
CA MET A 30 31.63 29.27 -9.23
C MET A 30 31.51 27.77 -8.90
N PHE A 31 30.73 27.01 -9.66
CA PHE A 31 30.21 25.65 -9.34
C PHE A 31 31.31 24.59 -9.54
N ASP A 32 31.36 23.54 -8.70
CA ASP A 32 32.56 22.67 -8.57
C ASP A 32 32.15 21.19 -8.53
N PRO A 33 32.52 20.39 -9.56
CA PRO A 33 32.17 18.96 -9.57
C PRO A 33 32.81 18.06 -8.50
N ALA A 34 33.85 18.53 -7.81
CA ALA A 34 34.67 17.72 -6.86
C ALA A 34 34.35 18.14 -5.43
N GLU A 35 33.29 18.94 -5.25
CA GLU A 35 32.96 19.63 -3.98
C GLU A 35 32.61 18.57 -2.94
N LYS A 36 33.13 18.73 -1.71
CA LYS A 36 32.96 17.81 -0.55
C LYS A 36 32.14 18.51 0.54
N TYR A 37 31.35 17.74 1.30
CA TYR A 37 30.78 18.22 2.58
C TYR A 37 31.97 18.66 3.43
N LYS A 38 31.82 19.77 4.16
CA LYS A 38 32.87 20.24 5.10
C LYS A 38 32.90 19.31 6.32
N MET A 39 34.00 18.59 6.50
CA MET A 39 34.17 17.57 7.57
C MET A 39 35.31 18.00 8.50
N ASP A 40 35.38 19.31 8.78
CA ASP A 40 36.43 19.99 9.58
C ASP A 40 35.81 20.63 10.84
N HIS A 41 34.58 20.27 11.23
CA HIS A 41 33.93 20.76 12.49
C HIS A 41 34.69 20.15 13.69
N ARG A 42 34.49 20.68 14.91
CA ARG A 42 35.33 20.26 16.07
C ARG A 42 35.13 18.75 16.29
N ARG A 43 33.89 18.27 16.37
CA ARG A 43 33.55 16.83 16.57
C ARG A 43 32.98 16.26 15.26
N ARG A 44 33.15 14.96 15.03
CA ARG A 44 32.58 14.24 13.85
C ARG A 44 31.05 14.20 13.94
N GLY A 45 30.54 13.71 15.07
CA GLY A 45 29.11 13.74 15.42
C GLY A 45 28.68 12.47 16.12
N ILE A 46 27.38 12.31 16.35
CA ILE A 46 26.81 11.14 17.06
C ILE A 46 26.46 10.05 16.05
N ALA A 47 26.78 8.80 16.39
CA ALA A 47 26.19 7.58 15.79
C ALA A 47 25.22 6.97 16.79
N LEU A 48 23.91 7.09 16.57
CA LEU A 48 22.88 6.31 17.31
C LEU A 48 22.86 4.88 16.76
N ILE A 49 22.72 3.90 17.64
CA ILE A 49 22.48 2.48 17.26
C ILE A 49 21.38 1.92 18.15
N PHE A 50 20.17 1.78 17.61
CA PHE A 50 19.04 1.08 18.24
C PHE A 50 19.16 -0.41 17.86
N ASN A 51 19.36 -1.27 18.87
CA ASN A 51 19.71 -2.70 18.65
C ASN A 51 18.65 -3.56 19.32
N HIS A 52 17.81 -4.24 18.53
CA HIS A 52 16.68 -5.08 19.00
C HIS A 52 16.97 -6.57 18.77
N GLU A 53 16.99 -7.35 19.86
CA GLU A 53 17.31 -8.81 19.86
C GLU A 53 16.07 -9.63 20.18
N ARG A 54 15.24 -9.17 21.12
CA ARG A 54 13.99 -9.82 21.55
C ARG A 54 12.87 -8.81 21.39
N PHE A 55 11.63 -9.29 21.47
CA PHE A 55 10.41 -8.47 21.30
C PHE A 55 9.34 -8.96 22.26
N PHE A 56 8.51 -8.05 22.75
CA PHE A 56 7.26 -8.33 23.49
C PHE A 56 6.62 -9.63 22.97
N TRP A 57 6.19 -10.52 23.87
CA TRP A 57 5.72 -11.87 23.48
C TRP A 57 4.66 -11.73 22.38
N HIS A 58 3.67 -10.87 22.61
CA HIS A 58 2.38 -10.81 21.86
C HIS A 58 2.55 -10.21 20.47
N LEU A 59 3.79 -9.99 20.01
CA LEU A 59 4.13 -9.60 18.62
C LEU A 59 4.54 -10.84 17.81
N THR A 60 4.93 -11.93 18.47
CA THR A 60 5.34 -13.21 17.82
C THR A 60 6.37 -12.89 16.73
N LEU A 61 7.51 -12.35 17.14
CA LEU A 61 8.70 -12.09 16.29
C LEU A 61 9.85 -12.88 16.88
N PRO A 62 10.70 -13.50 16.04
CA PRO A 62 11.85 -14.26 16.56
C PRO A 62 13.00 -13.40 17.11
N GLU A 63 13.69 -13.93 18.12
CA GLU A 63 15.02 -13.44 18.57
C GLU A 63 15.89 -13.25 17.34
N ARG A 64 16.58 -12.13 17.28
CA ARG A 64 17.57 -11.84 16.21
C ARG A 64 18.95 -12.22 16.78
N ARG A 65 19.22 -13.51 16.95
CA ARG A 65 20.50 -13.99 17.53
C ARG A 65 21.62 -13.61 16.56
N GLY A 66 22.56 -12.79 17.01
CA GLY A 66 23.70 -12.31 16.20
C GLY A 66 23.72 -10.79 16.13
N THR A 67 22.60 -10.14 16.42
CA THR A 67 22.48 -8.67 16.29
C THR A 67 23.51 -8.00 17.17
N CYS A 68 23.97 -8.66 18.23
CA CYS A 68 24.94 -8.05 19.19
C CYS A 68 26.30 -7.92 18.51
N ALA A 69 26.64 -8.84 17.61
CA ALA A 69 27.89 -8.77 16.82
C ALA A 69 27.82 -7.56 15.88
N ASP A 70 26.66 -7.37 15.25
CA ASP A 70 26.39 -6.19 14.40
C ASP A 70 26.63 -4.93 15.24
N ARG A 71 25.99 -4.85 16.40
CA ARG A 71 26.02 -3.66 17.27
C ARG A 71 27.48 -3.35 17.63
N ASP A 72 28.23 -4.38 18.03
CA ASP A 72 29.63 -4.24 18.52
C ASP A 72 30.52 -3.84 17.35
N ASN A 73 30.50 -4.61 16.25
CA ASN A 73 31.29 -4.30 15.02
C ASN A 73 31.04 -2.86 14.56
N LEU A 74 29.78 -2.44 14.41
CA LEU A 74 29.44 -1.05 14.04
C LEU A 74 30.07 -0.09 15.06
N THR A 75 29.82 -0.33 16.36
CA THR A 75 30.24 0.59 17.45
C THR A 75 31.73 0.86 17.28
N ARG A 76 32.52 -0.19 17.08
CA ARG A 76 33.99 -0.09 16.93
C ARG A 76 34.26 0.82 15.72
N ARG A 77 33.78 0.42 14.53
CA ARG A 77 34.20 1.04 13.25
C ARG A 77 33.86 2.52 13.23
N PHE A 78 32.72 2.90 13.83
CA PHE A 78 32.22 4.30 13.84
C PHE A 78 33.04 5.11 14.86
N SER A 79 33.32 4.54 16.03
CA SER A 79 34.31 5.07 17.01
C SER A 79 35.59 5.46 16.27
N ASP A 80 36.19 4.51 15.57
CA ASP A 80 37.48 4.68 14.86
C ASP A 80 37.40 5.86 13.88
N LEU A 81 36.21 6.23 13.40
CA LEU A 81 36.07 7.33 12.39
C LEU A 81 35.76 8.65 13.10
N GLY A 82 35.67 8.64 14.42
CA GLY A 82 35.54 9.86 15.22
C GLY A 82 34.16 10.03 15.79
N PHE A 83 33.29 9.03 15.63
CA PHE A 83 31.88 9.16 16.05
C PHE A 83 31.77 8.90 17.55
N GLU A 84 30.97 9.73 18.23
CA GLU A 84 30.44 9.48 19.60
C GLU A 84 29.29 8.47 19.45
N VAL A 85 29.60 7.18 19.49
CA VAL A 85 28.60 6.08 19.32
C VAL A 85 27.76 5.98 20.58
N LYS A 86 26.44 5.84 20.47
CA LYS A 86 25.52 5.68 21.62
C LYS A 86 24.55 4.56 21.29
N CYS A 87 24.74 3.37 21.88
CA CYS A 87 23.89 2.18 21.66
C CYS A 87 22.71 2.19 22.63
N PHE A 88 21.62 1.51 22.26
CA PHE A 88 20.39 1.37 23.07
C PHE A 88 19.71 0.03 22.76
N ASN A 89 19.79 -0.88 23.73
CA ASN A 89 19.31 -2.27 23.58
C ASN A 89 17.82 -2.35 23.95
N ASP A 90 17.00 -2.82 23.01
CA ASP A 90 15.60 -3.27 23.20
C ASP A 90 14.76 -2.16 23.87
N LEU A 91 14.87 -0.91 23.40
CA LEU A 91 14.00 0.18 23.89
C LEU A 91 12.56 -0.09 23.44
N LYS A 92 11.59 0.32 24.24
CA LYS A 92 10.16 0.38 23.84
C LYS A 92 9.97 1.62 23.00
N ALA A 93 8.82 1.75 22.36
CA ALA A 93 8.54 2.86 21.43
C ALA A 93 8.84 4.18 22.14
N GLU A 94 8.21 4.42 23.30
CA GLU A 94 8.30 5.73 24.00
C GLU A 94 9.78 6.06 24.26
N GLU A 95 10.53 5.12 24.84
CA GLU A 95 11.94 5.35 25.22
C GLU A 95 12.70 5.74 23.95
N LEU A 96 12.52 5.00 22.86
CA LEU A 96 13.23 5.19 21.57
C LEU A 96 12.92 6.59 21.02
N LEU A 97 11.64 6.94 20.96
CA LEU A 97 11.23 8.27 20.46
C LEU A 97 11.88 9.35 21.33
N LEU A 98 11.83 9.21 22.66
CA LEU A 98 12.43 10.21 23.59
C LEU A 98 13.91 10.34 23.27
N LYS A 99 14.62 9.22 23.14
CA LYS A 99 16.08 9.25 22.91
C LYS A 99 16.38 9.96 21.58
N ILE A 100 15.65 9.63 20.52
CA ILE A 100 16.00 10.16 19.18
C ILE A 100 15.57 11.63 19.11
N HIS A 101 14.45 11.99 19.74
CA HIS A 101 13.98 13.40 19.82
C HIS A 101 15.00 14.24 20.59
N GLU A 102 15.46 13.73 21.74
CA GLU A 102 16.58 14.32 22.52
C GLU A 102 17.69 14.66 21.52
N VAL A 103 18.22 13.66 20.83
CA VAL A 103 19.41 13.83 19.96
C VAL A 103 19.09 14.86 18.86
N SER A 104 17.84 14.94 18.41
CA SER A 104 17.46 15.86 17.30
C SER A 104 17.52 17.32 17.79
N THR A 105 17.24 17.57 19.08
CA THR A 105 17.01 18.94 19.62
C THR A 105 18.29 19.50 20.25
N VAL A 106 19.18 18.65 20.77
CA VAL A 106 20.61 19.02 21.03
C VAL A 106 21.16 19.72 19.78
N SER A 107 22.12 20.64 19.95
CA SER A 107 22.82 21.36 18.87
C SER A 107 23.90 20.45 18.26
N HIS A 108 23.88 20.31 16.93
CA HIS A 108 24.94 19.64 16.13
C HIS A 108 25.80 20.69 15.44
N ALA A 109 25.72 21.95 15.88
CA ALA A 109 26.43 23.09 15.26
C ALA A 109 27.91 22.74 15.07
N ASP A 110 28.53 22.05 16.04
CA ASP A 110 29.98 21.78 16.12
C ASP A 110 30.31 20.40 15.53
N ALA A 111 29.42 19.84 14.69
CA ALA A 111 29.53 18.44 14.19
C ALA A 111 29.49 18.37 12.66
N ASP A 112 30.21 17.37 12.13
CA ASP A 112 30.35 17.10 10.69
C ASP A 112 29.04 16.53 10.13
N CYS A 113 28.43 15.59 10.85
CA CYS A 113 27.31 14.77 10.32
C CYS A 113 26.61 14.02 11.45
N PHE A 114 25.61 13.22 11.09
CA PHE A 114 24.78 12.41 12.01
C PHE A 114 24.51 11.05 11.35
N VAL A 115 24.69 9.99 12.14
CA VAL A 115 24.45 8.57 11.74
C VAL A 115 23.43 7.99 12.71
N CYS A 116 22.51 7.19 12.20
CA CYS A 116 21.48 6.49 12.98
C CYS A 116 21.33 5.09 12.40
N VAL A 117 21.35 4.05 13.21
CA VAL A 117 21.36 2.63 12.74
C VAL A 117 20.23 1.87 13.43
N PHE A 118 19.42 1.13 12.66
CA PHE A 118 18.38 0.22 13.19
C PHE A 118 18.76 -1.20 12.86
N LEU A 119 18.94 -1.99 13.91
CA LEU A 119 19.09 -3.46 13.86
C LEU A 119 17.84 -4.01 14.53
N SER A 120 16.84 -4.36 13.73
CA SER A 120 15.56 -4.92 14.21
C SER A 120 14.83 -5.65 13.09
N HIS A 121 13.57 -5.94 13.35
CA HIS A 121 12.57 -6.36 12.35
C HIS A 121 11.86 -5.12 11.82
N GLY A 122 11.35 -5.22 10.61
CA GLY A 122 10.55 -4.15 9.99
C GLY A 122 9.60 -4.74 8.99
N GLU A 123 8.72 -3.88 8.49
CA GLU A 123 7.66 -4.20 7.51
C GLU A 123 7.32 -2.84 6.89
N GLY A 124 7.33 -2.77 5.57
CA GLY A 124 6.86 -1.58 4.85
C GLY A 124 7.68 -0.37 5.21
N ASN A 125 7.03 0.64 5.79
CA ASN A 125 7.70 1.91 6.17
C ASN A 125 7.90 1.94 7.69
N HIS A 126 7.98 0.76 8.31
CA HIS A 126 8.06 0.63 9.78
C HIS A 126 9.30 -0.14 10.21
N ILE A 127 9.89 0.32 11.33
CA ILE A 127 10.90 -0.43 12.12
C ILE A 127 10.21 -0.89 13.40
N TYR A 128 10.61 -2.05 13.94
CA TYR A 128 10.08 -2.56 15.23
C TYR A 128 11.01 -2.13 16.38
N ALA A 129 10.42 -1.40 17.34
CA ALA A 129 10.90 -1.30 18.72
C ALA A 129 10.54 -2.61 19.41
N TYR A 130 10.83 -2.73 20.71
CA TYR A 130 10.49 -3.90 21.53
C TYR A 130 8.98 -4.15 21.47
N ASP A 131 8.15 -3.11 21.54
CA ASP A 131 6.71 -3.30 21.89
C ASP A 131 5.80 -2.94 20.70
N ALA A 132 6.28 -2.20 19.71
CA ALA A 132 5.43 -1.79 18.55
C ALA A 132 6.30 -1.19 17.46
N LYS A 133 5.69 -0.97 16.29
CA LYS A 133 6.42 -0.51 15.08
C LYS A 133 6.30 1.01 15.04
N ILE A 134 7.30 1.63 14.43
CA ILE A 134 7.40 3.11 14.33
C ILE A 134 7.67 3.46 12.88
N GLU A 135 6.98 4.50 12.42
CA GLU A 135 7.07 5.03 11.05
C GLU A 135 8.49 5.60 10.85
N ILE A 136 9.30 4.97 10.00
CA ILE A 136 10.66 5.47 9.64
C ILE A 136 10.59 6.98 9.30
N GLN A 137 9.60 7.39 8.50
CA GLN A 137 9.33 8.80 8.12
C GLN A 137 9.42 9.71 9.36
N THR A 138 8.82 9.34 10.49
CA THR A 138 8.76 10.23 11.69
C THR A 138 10.15 10.29 12.34
N LEU A 139 10.94 9.21 12.30
CA LEU A 139 12.33 9.21 12.82
C LEU A 139 13.25 10.09 11.96
N THR A 140 13.26 9.92 10.63
CA THR A 140 14.10 10.72 9.72
C THR A 140 13.62 12.17 9.69
N GLY A 141 12.32 12.39 9.88
CA GLY A 141 11.69 13.72 9.86
C GLY A 141 12.24 14.65 10.93
N LEU A 142 12.73 14.10 12.04
CA LEU A 142 13.23 14.91 13.17
C LEU A 142 14.54 15.61 12.78
N PHE A 143 15.19 15.22 11.69
CA PHE A 143 16.48 15.81 11.22
C PHE A 143 16.32 16.59 9.89
N LYS A 144 15.10 16.63 9.33
CA LYS A 144 14.72 17.24 8.02
C LYS A 144 15.36 18.61 7.77
N GLY A 145 16.06 19.21 8.72
CA GLY A 145 16.64 20.56 8.50
C GLY A 145 15.59 21.64 8.72
N ASP A 146 14.34 21.47 8.24
CA ASP A 146 13.15 22.17 8.82
C ASP A 146 13.23 22.10 10.35
N LYS A 147 13.20 20.88 10.91
CA LYS A 147 13.04 20.60 12.37
C LYS A 147 14.37 20.72 13.14
N CYS A 148 15.53 20.65 12.47
CA CYS A 148 16.86 20.53 13.15
C CYS A 148 17.91 21.37 12.38
N HIS A 149 17.99 22.64 12.75
CA HIS A 149 18.74 23.69 12.00
C HIS A 149 20.24 23.34 12.01
N SER A 150 20.79 22.77 13.09
CA SER A 150 22.25 22.55 13.23
C SER A 150 22.77 21.53 12.21
N LEU A 151 21.89 20.76 11.56
CA LEU A 151 22.30 19.68 10.62
C LEU A 151 21.95 20.02 9.18
N VAL A 152 21.28 21.15 8.92
CA VAL A 152 21.10 21.70 7.55
C VAL A 152 22.46 21.70 6.84
N GLY A 153 22.50 21.17 5.62
CA GLY A 153 23.69 21.15 4.75
C GLY A 153 24.70 20.11 5.18
N LYS A 154 24.37 19.27 6.15
CA LYS A 154 25.29 18.23 6.70
C LYS A 154 24.73 16.84 6.42
N PRO A 155 25.58 15.86 6.07
CA PRO A 155 25.11 14.50 5.81
C PRO A 155 24.34 13.88 6.99
N LYS A 156 23.17 13.30 6.73
CA LYS A 156 22.40 12.49 7.70
C LYS A 156 22.30 11.06 7.15
N ILE A 157 23.16 10.15 7.62
CA ILE A 157 23.19 8.74 7.16
C ILE A 157 22.31 7.88 8.09
N PHE A 158 21.31 7.21 7.55
CA PHE A 158 20.59 6.10 8.22
C PHE A 158 21.00 4.76 7.59
N ILE A 159 21.35 3.80 8.45
CA ILE A 159 21.66 2.40 8.05
C ILE A 159 20.61 1.50 8.69
N ILE A 160 19.91 0.72 7.87
CA ILE A 160 18.74 -0.10 8.30
C ILE A 160 19.00 -1.56 7.94
N GLN A 161 19.09 -2.41 8.97
CA GLN A 161 19.24 -3.88 8.85
C GLN A 161 17.97 -4.47 9.46
N ALA A 162 16.89 -4.44 8.70
CA ALA A 162 15.55 -4.88 9.11
C ALA A 162 14.91 -5.71 8.01
N ALA A 163 14.12 -6.71 8.41
CA ALA A 163 13.40 -7.62 7.50
C ALA A 163 12.31 -8.35 8.28
N ARG A 164 11.63 -9.27 7.60
CA ARG A 164 10.45 -10.01 8.13
C ARG A 164 10.91 -11.10 9.11
N GLY A 165 10.32 -11.11 10.30
CA GLY A 165 10.50 -12.19 11.28
C GLY A 165 9.83 -13.45 10.82
N ASN A 166 10.60 -14.53 10.61
CA ASN A 166 10.11 -15.89 10.21
C ASN A 166 8.76 -16.32 10.87
N THR A 187 26.13 -24.55 15.85
CA THR A 187 26.46 -23.48 16.82
C THR A 187 26.26 -22.10 16.16
N ASN A 188 26.94 -21.82 15.05
CA ASN A 188 26.74 -20.61 14.19
C ASN A 188 25.88 -20.99 12.99
N ILE A 189 24.54 -20.87 13.11
CA ILE A 189 23.59 -21.10 11.99
C ILE A 189 23.44 -19.78 11.21
N THR A 190 23.18 -19.85 9.91
CA THR A 190 22.79 -18.71 9.05
C THR A 190 21.26 -18.70 8.91
N GLU A 191 20.56 -17.78 9.58
CA GLU A 191 19.08 -17.59 9.46
C GLU A 191 18.83 -16.62 8.31
N VAL A 192 17.73 -16.81 7.58
CA VAL A 192 17.44 -16.04 6.33
C VAL A 192 16.02 -15.45 6.41
N ASP A 193 15.92 -14.13 6.29
CA ASP A 193 14.64 -13.36 6.33
C ASP A 193 14.38 -12.82 4.91
N ALA A 194 13.12 -12.70 4.53
CA ALA A 194 12.69 -12.02 3.29
C ALA A 194 12.77 -10.51 3.47
N ALA A 195 13.28 -9.79 2.48
CA ALA A 195 13.21 -8.31 2.41
C ALA A 195 11.78 -7.85 2.74
N SER A 196 11.62 -6.81 3.55
CA SER A 196 10.27 -6.29 3.91
C SER A 196 10.23 -4.77 4.02
N VAL A 197 11.35 -4.12 4.34
CA VAL A 197 11.37 -2.64 4.60
C VAL A 197 11.56 -1.92 3.28
N TYR A 198 10.66 -1.01 2.96
CA TYR A 198 10.73 -0.21 1.72
C TYR A 198 12.05 0.55 1.73
N THR A 199 12.73 0.61 0.58
CA THR A 199 14.02 1.34 0.41
C THR A 199 13.73 2.84 0.21
N LEU A 200 13.06 3.43 1.21
CA LEU A 200 12.56 4.83 1.22
C LEU A 200 13.73 5.79 1.04
N PRO A 201 13.49 6.93 0.37
CA PRO A 201 14.42 8.05 0.43
C PRO A 201 14.09 8.80 1.72
N ALA A 202 14.81 9.88 2.02
CA ALA A 202 14.36 10.89 2.98
C ALA A 202 14.37 12.24 2.25
N GLY A 203 15.04 13.25 2.82
CA GLY A 203 15.13 14.59 2.22
C GLY A 203 16.55 14.98 1.83
N ALA A 204 16.77 16.27 1.58
CA ALA A 204 18.08 16.78 1.14
C ALA A 204 19.13 16.36 2.17
N ASP A 205 20.24 15.83 1.68
CA ASP A 205 21.48 15.57 2.44
C ASP A 205 21.29 14.34 3.33
N PHE A 206 20.26 13.53 3.04
CA PHE A 206 20.10 12.18 3.64
C PHE A 206 20.69 11.11 2.72
N LEU A 207 21.37 10.12 3.32
CA LEU A 207 21.77 8.85 2.67
C LEU A 207 21.08 7.70 3.42
N MET A 208 20.07 7.07 2.84
CA MET A 208 19.38 5.89 3.42
C MET A 208 20.07 4.63 2.87
N CYS A 209 20.54 3.74 3.75
CA CYS A 209 21.32 2.51 3.42
C CYS A 209 20.56 1.26 3.90
N TYR A 210 20.40 0.26 3.04
CA TYR A 210 19.46 -0.86 3.28
C TYR A 210 20.16 -2.21 3.09
N SER A 211 20.02 -3.08 4.09
CA SER A 211 20.54 -4.47 4.14
C SER A 211 20.22 -5.28 2.88
N VAL A 212 19.06 -5.03 2.26
CA VAL A 212 18.47 -5.89 1.21
C VAL A 212 17.42 -5.08 0.44
N ALA A 213 17.30 -5.27 -0.87
CA ALA A 213 16.28 -4.64 -1.73
C ALA A 213 15.08 -5.58 -1.88
N GLU A 214 13.93 -5.06 -2.38
CA GLU A 214 12.70 -5.85 -2.63
C GLU A 214 13.01 -7.10 -3.47
N GLY A 215 12.38 -8.23 -3.15
CA GLY A 215 12.54 -9.50 -3.88
C GLY A 215 13.68 -10.36 -3.35
N TYR A 216 14.74 -9.76 -2.82
CA TYR A 216 15.93 -10.48 -2.32
C TYR A 216 15.72 -10.86 -0.84
N TYR A 217 16.79 -11.34 -0.18
CA TYR A 217 16.76 -11.99 1.15
C TYR A 217 17.93 -11.51 2.03
N SER A 218 17.65 -11.25 3.31
CA SER A 218 18.67 -10.84 4.31
C SER A 218 19.15 -12.07 5.10
N HIS A 219 20.46 -12.21 5.25
CA HIS A 219 21.15 -13.32 5.96
C HIS A 219 21.76 -12.80 7.27
N ARG A 220 21.61 -13.56 8.34
CA ARG A 220 22.24 -13.29 9.66
C ARG A 220 22.85 -14.59 10.22
N GLU A 221 24.18 -14.61 10.38
CA GLU A 221 24.94 -15.67 11.12
C GLU A 221 24.70 -15.37 12.61
N THR A 222 24.42 -16.38 13.43
CA THR A 222 23.93 -16.20 14.84
C THR A 222 25.07 -15.84 15.78
N VAL A 223 26.31 -15.86 15.28
CA VAL A 223 27.52 -15.48 16.06
C VAL A 223 28.22 -14.33 15.35
N ASN A 224 28.39 -14.40 14.02
CA ASN A 224 29.12 -13.37 13.25
C ASN A 224 28.24 -12.17 12.89
N GLY A 225 26.92 -12.38 12.82
CA GLY A 225 25.93 -11.33 12.57
C GLY A 225 25.50 -11.25 11.12
N SER A 226 24.80 -10.17 10.78
CA SER A 226 24.19 -9.92 9.44
C SER A 226 25.30 -9.84 8.38
N TRP A 227 25.06 -10.41 7.19
CA TRP A 227 26.01 -10.37 6.05
C TRP A 227 26.26 -8.90 5.69
N TYR A 228 25.19 -8.09 5.55
CA TYR A 228 25.27 -6.64 5.25
C TYR A 228 26.31 -6.00 6.16
N ILE A 229 26.10 -6.15 7.47
CA ILE A 229 26.86 -5.41 8.52
C ILE A 229 28.29 -5.94 8.55
N GLN A 230 28.48 -7.24 8.35
CA GLN A 230 29.84 -7.84 8.34
C GLN A 230 30.64 -7.14 7.24
N ASP A 231 30.10 -7.10 6.04
CA ASP A 231 30.82 -6.59 4.84
C ASP A 231 30.92 -5.05 4.95
N LEU A 232 29.88 -4.39 5.46
CA LEU A 232 29.93 -2.93 5.71
C LEU A 232 31.11 -2.61 6.64
N CYS A 233 31.16 -3.28 7.79
CA CYS A 233 32.19 -3.06 8.85
C CYS A 233 33.57 -3.39 8.32
N GLU A 234 33.72 -4.48 7.57
CA GLU A 234 35.02 -4.84 6.95
C GLU A 234 35.48 -3.65 6.09
N MET A 235 34.61 -3.17 5.20
CA MET A 235 34.95 -2.10 4.23
C MET A 235 35.24 -0.79 4.99
N LEU A 236 34.44 -0.44 6.00
CA LEU A 236 34.72 0.68 6.93
C LEU A 236 36.13 0.50 7.51
N GLY A 237 36.40 -0.68 8.06
CA GLY A 237 37.73 -1.07 8.57
C GLY A 237 38.84 -0.76 7.59
N LYS A 238 38.76 -1.24 6.36
CA LYS A 238 39.86 -1.08 5.38
C LYS A 238 39.86 0.34 4.80
N TYR A 239 38.71 0.93 4.51
CA TYR A 239 38.63 2.10 3.59
C TYR A 239 37.91 3.31 4.19
N GLY A 240 37.19 3.20 5.31
CA GLY A 240 36.37 4.28 5.89
C GLY A 240 37.02 5.65 5.75
N SER A 241 38.29 5.75 6.16
CA SER A 241 39.04 7.02 6.30
C SER A 241 39.53 7.51 4.93
N SER A 242 39.80 6.62 3.97
CA SER A 242 40.29 7.02 2.61
C SER A 242 39.11 7.30 1.64
N LEU A 243 38.23 6.33 1.40
CA LEU A 243 37.21 6.35 0.31
C LEU A 243 36.06 7.27 0.64
N GLU A 244 35.42 7.76 -0.43
CA GLU A 244 34.10 8.42 -0.44
C GLU A 244 33.06 7.37 -0.04
N PHE A 245 32.07 7.76 0.77
CA PHE A 245 31.24 6.80 1.51
C PHE A 245 30.36 5.99 0.54
N THR A 246 29.81 6.60 -0.51
CA THR A 246 28.95 5.88 -1.48
C THR A 246 29.83 4.95 -2.33
N GLU A 247 31.10 5.30 -2.60
CA GLU A 247 32.05 4.39 -3.29
C GLU A 247 32.16 3.11 -2.47
N LEU A 248 32.24 3.28 -1.16
CA LEU A 248 32.36 2.19 -0.16
C LEU A 248 31.07 1.38 -0.14
N LEU A 249 29.93 2.05 0.01
CA LEU A 249 28.59 1.39 0.02
C LEU A 249 28.44 0.53 -1.24
N THR A 250 29.03 0.98 -2.36
CA THR A 250 29.06 0.25 -3.66
C THR A 250 29.90 -1.02 -3.48
N LEU A 251 31.07 -0.93 -2.84
CA LEU A 251 31.90 -2.12 -2.52
C LEU A 251 31.09 -3.12 -1.69
N VAL A 252 30.31 -2.61 -0.73
CA VAL A 252 29.47 -3.48 0.14
C VAL A 252 28.47 -4.23 -0.74
N ASN A 253 27.84 -3.53 -1.68
CA ASN A 253 26.90 -4.16 -2.65
C ASN A 253 27.61 -5.30 -3.39
N ARG A 254 28.82 -5.07 -3.90
CA ARG A 254 29.58 -6.13 -4.62
C ARG A 254 29.78 -7.29 -3.65
N LYS A 255 30.36 -7.04 -2.48
CA LYS A 255 30.76 -8.10 -1.53
C LYS A 255 29.53 -8.94 -1.16
N VAL A 256 28.41 -8.30 -0.84
CA VAL A 256 27.19 -9.04 -0.38
C VAL A 256 26.54 -9.79 -1.55
N SER A 257 26.52 -9.20 -2.76
CA SER A 257 25.86 -9.82 -3.94
C SER A 257 26.65 -11.09 -4.31
N GLN A 258 27.97 -11.03 -4.17
CA GLN A 258 28.92 -12.12 -4.51
C GLN A 258 28.86 -13.30 -3.51
N ARG A 259 28.31 -13.14 -2.30
CA ARG A 259 28.20 -14.31 -1.37
C ARG A 259 27.39 -15.41 -2.04
N ARG A 260 28.01 -16.59 -2.21
CA ARG A 260 27.42 -17.79 -2.85
C ARG A 260 26.25 -18.27 -1.98
N VAL A 261 25.17 -18.71 -2.62
CA VAL A 261 24.01 -19.37 -1.93
C VAL A 261 23.58 -20.63 -2.70
N ASP A 262 24.51 -21.33 -3.36
CA ASP A 262 24.21 -22.54 -4.19
C ASP A 262 24.30 -23.81 -3.32
N PHE A 263 25.43 -24.06 -2.63
CA PHE A 263 25.63 -25.21 -1.72
C PHE A 263 25.42 -24.75 -0.28
N CYS A 264 24.21 -24.95 0.28
CA CYS A 264 23.77 -24.47 1.62
C CYS A 264 23.38 -25.65 2.53
N LYS A 265 23.68 -25.52 3.83
CA LYS A 265 23.39 -26.52 4.89
C LYS A 265 21.88 -26.83 4.93
N ASP A 266 21.07 -25.78 4.98
CA ASP A 266 19.59 -25.85 4.84
C ASP A 266 19.29 -26.01 3.35
N PRO A 267 18.49 -27.02 2.92
CA PRO A 267 18.09 -27.16 1.52
C PRO A 267 17.34 -25.94 0.95
N SER A 268 16.46 -25.32 1.76
CA SER A 268 15.45 -24.30 1.33
C SER A 268 16.02 -22.88 1.42
N ALA A 269 17.29 -22.71 1.77
CA ALA A 269 18.01 -21.41 1.78
C ALA A 269 18.75 -21.23 0.45
N ILE A 270 18.67 -22.21 -0.45
CA ILE A 270 19.41 -22.23 -1.75
C ILE A 270 18.72 -21.24 -2.71
N GLY A 271 19.50 -20.47 -3.47
CA GLY A 271 19.00 -19.54 -4.51
C GLY A 271 18.38 -18.28 -3.91
N LYS A 272 18.57 -18.06 -2.62
CA LYS A 272 18.07 -16.86 -1.89
C LYS A 272 19.20 -15.82 -1.84
N LYS A 273 19.37 -15.02 -2.90
CA LYS A 273 20.52 -14.09 -2.98
C LYS A 273 20.20 -12.84 -2.17
N GLN A 274 21.24 -12.15 -1.72
CA GLN A 274 21.13 -10.86 -1.00
C GLN A 274 21.77 -9.78 -1.85
N VAL A 275 21.00 -8.73 -2.16
CA VAL A 275 21.50 -7.49 -2.82
C VAL A 275 21.05 -6.28 -2.03
N PRO A 276 21.97 -5.58 -1.35
CA PRO A 276 21.62 -4.38 -0.61
C PRO A 276 21.65 -3.18 -1.58
N CYS A 277 20.93 -2.10 -1.26
CA CYS A 277 20.98 -0.83 -2.02
C CYS A 277 21.25 0.37 -1.08
N PHE A 278 21.31 1.55 -1.67
CA PHE A 278 21.23 2.83 -0.95
C PHE A 278 20.54 3.90 -1.80
N ALA A 279 19.87 4.82 -1.10
CA ALA A 279 19.12 5.96 -1.66
C ALA A 279 19.84 7.25 -1.26
N SER A 280 20.64 7.83 -2.16
CA SER A 280 21.41 9.10 -1.97
C SER A 280 20.50 10.27 -2.30
N MET A 281 20.42 11.25 -1.42
CA MET A 281 19.97 12.62 -1.70
C MET A 281 21.08 13.56 -1.23
N LEU A 282 22.29 13.01 -1.17
CA LEU A 282 23.51 13.81 -0.93
C LEU A 282 23.70 14.75 -2.12
N THR A 283 24.44 15.83 -1.89
CA THR A 283 24.63 16.94 -2.82
C THR A 283 26.12 17.21 -2.97
N LYS A 284 26.97 16.49 -2.25
CA LYS A 284 28.45 16.67 -2.28
C LYS A 284 29.07 15.32 -2.01
N LYS A 285 30.39 15.21 -2.18
CA LYS A 285 31.14 13.98 -1.83
C LYS A 285 31.24 13.91 -0.30
N LEU A 286 31.22 12.70 0.26
CA LEU A 286 31.25 12.46 1.72
C LEU A 286 32.49 11.62 2.06
N HIS A 287 33.46 12.21 2.75
CA HIS A 287 34.72 11.56 3.19
C HIS A 287 34.84 11.68 4.72
N PHE A 288 35.35 10.60 5.34
CA PHE A 288 35.57 10.51 6.81
C PHE A 288 37.09 10.50 7.05
N PHE A 289 37.80 11.48 6.49
CA PHE A 289 39.27 11.61 6.68
C PHE A 289 39.54 11.73 8.16
N PRO A 290 40.71 11.25 8.66
CA PRO A 290 41.00 11.32 10.09
C PRO A 290 40.99 12.78 10.53
N LYS A 291 40.36 13.12 11.66
CA LYS A 291 40.41 14.49 12.25
C LYS A 291 41.67 14.56 13.11
N SER A 292 42.36 15.72 13.17
CA SER A 292 43.77 15.78 13.61
C SER A 292 43.84 15.97 15.14
N ASN A 293 44.86 15.37 15.77
CA ASN A 293 45.09 15.32 17.24
C ASN A 293 46.21 16.31 17.60
N MET B 30 42.57 -10.98 -5.33
CA MET B 30 42.91 -9.54 -5.37
C MET B 30 41.63 -8.69 -5.55
N PHE B 31 40.95 -8.37 -4.44
CA PHE B 31 39.79 -7.43 -4.37
C PHE B 31 40.26 -5.98 -4.52
N ASP B 32 39.50 -5.12 -5.21
CA ASP B 32 40.00 -3.79 -5.68
C ASP B 32 38.97 -2.70 -5.43
N PRO B 33 39.25 -1.74 -4.53
CA PRO B 33 38.30 -0.66 -4.25
C PRO B 33 38.00 0.35 -5.39
N ALA B 34 38.82 0.38 -6.44
CA ALA B 34 38.76 1.38 -7.53
C ALA B 34 38.19 0.74 -8.80
N GLU B 35 37.67 -0.49 -8.67
CA GLU B 35 37.28 -1.35 -9.82
C GLU B 35 36.11 -0.69 -10.55
N LYS B 36 36.16 -0.71 -11.88
CA LYS B 36 35.17 -0.08 -12.81
C LYS B 36 34.44 -1.18 -13.60
N TYR B 37 33.18 -0.94 -13.95
CA TYR B 37 32.47 -1.73 -14.98
C TYR B 37 33.33 -1.64 -16.24
N LYS B 38 33.46 -2.75 -16.98
CA LYS B 38 34.18 -2.78 -18.27
C LYS B 38 33.33 -2.07 -19.32
N MET B 39 33.81 -0.94 -19.83
CA MET B 39 33.06 -0.08 -20.78
C MET B 39 33.84 0.00 -22.10
N ASP B 40 34.42 -1.14 -22.51
CA ASP B 40 35.28 -1.31 -23.71
C ASP B 40 34.63 -2.30 -24.71
N HIS B 41 33.33 -2.59 -24.59
CA HIS B 41 32.58 -3.45 -25.56
C HIS B 41 32.46 -2.70 -26.89
N ARG B 42 32.11 -3.39 -27.98
CA ARG B 42 32.17 -2.78 -29.33
C ARG B 42 31.24 -1.55 -29.37
N ARG B 43 29.98 -1.69 -28.94
CA ARG B 43 28.97 -0.58 -28.85
C ARG B 43 28.70 -0.23 -27.37
N ARG B 44 28.31 1.02 -27.09
CA ARG B 44 27.93 1.50 -25.72
C ARG B 44 26.66 0.80 -25.25
N GLY B 45 25.60 0.88 -26.05
CA GLY B 45 24.34 0.14 -25.84
C GLY B 45 23.12 0.98 -26.21
N ILE B 46 21.93 0.47 -25.92
CA ILE B 46 20.66 1.14 -26.27
C ILE B 46 20.22 2.05 -25.12
N ALA B 47 19.77 3.26 -25.43
CA ALA B 47 18.95 4.11 -24.54
C ALA B 47 17.52 4.10 -25.07
N LEU B 48 16.60 3.41 -24.39
CA LEU B 48 15.14 3.53 -24.63
C LEU B 48 14.65 4.82 -23.98
N ILE B 49 13.75 5.52 -24.66
CA ILE B 49 13.02 6.70 -24.08
C ILE B 49 11.55 6.58 -24.46
N PHE B 50 10.72 6.21 -23.49
CA PHE B 50 9.25 6.23 -23.59
C PHE B 50 8.78 7.61 -23.14
N ASN B 51 8.17 8.37 -24.06
CA ASN B 51 7.85 9.80 -23.85
C ASN B 51 6.35 10.01 -24.00
N HIS B 52 5.64 10.26 -22.89
CA HIS B 52 4.17 10.41 -22.85
C HIS B 52 3.77 11.88 -22.59
N GLU B 53 3.03 12.47 -23.54
CA GLU B 53 2.60 13.90 -23.54
C GLU B 53 1.09 14.01 -23.29
N ARG B 54 0.32 13.13 -23.90
CA ARG B 54 -1.16 13.06 -23.77
C ARG B 54 -1.52 11.66 -23.32
N PHE B 55 -2.77 11.49 -22.90
CA PHE B 55 -3.30 10.21 -22.38
C PHE B 55 -4.74 10.06 -22.83
N PHE B 56 -5.17 8.83 -23.08
CA PHE B 56 -6.59 8.41 -23.28
C PHE B 56 -7.52 9.29 -22.43
N TRP B 57 -8.61 9.79 -23.01
CA TRP B 57 -9.47 10.79 -22.34
C TRP B 57 -9.87 10.26 -20.95
N HIS B 58 -10.35 9.01 -20.90
CA HIS B 58 -11.07 8.41 -19.73
C HIS B 58 -10.13 8.08 -18.57
N LEU B 59 -8.87 8.54 -18.62
CA LEU B 59 -7.90 8.49 -17.49
C LEU B 59 -7.87 9.84 -16.76
N THR B 60 -8.32 10.92 -17.40
CA THR B 60 -8.34 12.30 -16.83
C THR B 60 -6.97 12.60 -16.24
N LEU B 61 -5.95 12.63 -17.10
CA LEU B 61 -4.57 13.06 -16.77
C LEU B 61 -4.23 14.24 -17.67
N PRO B 62 -3.55 15.28 -17.15
CA PRO B 62 -3.17 16.43 -17.98
C PRO B 62 -2.04 16.17 -19.00
N GLU B 63 -2.10 16.86 -20.14
CA GLU B 63 -0.97 17.01 -21.08
C GLU B 63 0.28 17.37 -20.27
N ARG B 64 1.39 16.73 -20.58
CA ARG B 64 2.71 17.03 -19.97
C ARG B 64 3.43 17.96 -20.95
N ARG B 65 2.97 19.21 -21.08
CA ARG B 65 3.56 20.18 -22.03
C ARG B 65 4.99 20.47 -21.57
N GLY B 66 5.98 20.15 -22.41
CA GLY B 66 7.41 20.35 -22.13
C GLY B 66 8.18 19.04 -22.21
N THR B 67 7.47 17.90 -22.13
CA THR B 67 8.11 16.58 -22.10
C THR B 67 8.95 16.39 -23.36
N CYS B 68 8.61 17.09 -24.45
CA CYS B 68 9.32 16.92 -25.75
C CYS B 68 10.73 17.51 -25.62
N ALA B 69 10.89 18.56 -24.83
CA ALA B 69 12.20 19.17 -24.55
C ALA B 69 13.07 18.15 -23.79
N ASP B 70 12.46 17.51 -22.79
CA ASP B 70 13.12 16.42 -22.02
C ASP B 70 13.60 15.34 -23.00
N ARG B 71 12.69 14.86 -23.85
CA ARG B 71 12.96 13.75 -24.78
C ARG B 71 14.14 14.13 -25.67
N ASP B 72 14.11 15.35 -26.23
CA ASP B 72 15.13 15.82 -27.20
C ASP B 72 16.46 16.01 -26.48
N ASN B 73 16.48 16.78 -25.39
CA ASN B 73 17.71 17.02 -24.57
C ASN B 73 18.35 15.68 -24.19
N LEU B 74 17.59 14.74 -23.62
CA LEU B 74 18.12 13.39 -23.29
C LEU B 74 18.68 12.75 -24.55
N THR B 75 17.91 12.71 -25.63
CA THR B 75 18.27 11.99 -26.89
C THR B 75 19.67 12.47 -27.30
N ARG B 76 19.88 13.79 -27.31
CA ARG B 76 21.15 14.39 -27.72
C ARG B 76 22.24 13.86 -26.78
N ARG B 77 22.09 14.09 -25.48
CA ARG B 77 23.19 13.88 -24.49
C ARG B 77 23.62 12.43 -24.49
N PHE B 78 22.69 11.50 -24.65
CA PHE B 78 22.93 10.03 -24.63
C PHE B 78 23.60 9.61 -25.94
N SER B 79 23.13 10.13 -27.08
CA SER B 79 23.81 10.03 -28.40
C SER B 79 25.29 10.36 -28.22
N ASP B 80 25.58 11.55 -27.71
CA ASP B 80 26.97 12.07 -27.56
C ASP B 80 27.81 11.11 -26.72
N LEU B 81 27.22 10.26 -25.87
CA LEU B 81 28.00 9.34 -25.00
C LEU B 81 28.12 7.97 -25.66
N GLY B 82 27.54 7.80 -26.85
CA GLY B 82 27.73 6.60 -27.67
C GLY B 82 26.49 5.74 -27.69
N PHE B 83 25.38 6.22 -27.14
CA PHE B 83 24.15 5.39 -27.01
C PHE B 83 23.40 5.40 -28.35
N GLU B 84 22.90 4.23 -28.75
CA GLU B 84 21.86 4.05 -29.80
C GLU B 84 20.51 4.43 -29.16
N VAL B 85 20.14 5.72 -29.20
CA VAL B 85 18.90 6.24 -28.56
C VAL B 85 17.71 5.81 -29.40
N LYS B 86 16.62 5.32 -28.81
CA LYS B 86 15.39 4.92 -29.53
C LYS B 86 14.20 5.47 -28.76
N CYS B 87 13.58 6.55 -29.26
CA CYS B 87 12.41 7.23 -28.62
C CYS B 87 11.13 6.56 -29.10
N PHE B 88 10.06 6.69 -28.30
CA PHE B 88 8.71 6.15 -28.58
C PHE B 88 7.64 7.03 -27.92
N ASN B 89 6.93 7.78 -28.77
CA ASN B 89 5.93 8.78 -28.32
C ASN B 89 4.58 8.11 -28.12
N ASP B 90 4.04 8.23 -26.90
CA ASP B 90 2.63 7.93 -26.53
C ASP B 90 2.23 6.51 -26.94
N LEU B 91 3.07 5.51 -26.67
CA LEU B 91 2.71 4.10 -26.91
C LEU B 91 1.60 3.70 -25.95
N LYS B 92 0.70 2.81 -26.38
CA LYS B 92 -0.28 2.14 -25.49
C LYS B 92 0.45 1.01 -24.75
N ALA B 93 -0.17 0.42 -23.76
CA ALA B 93 0.48 -0.58 -22.90
C ALA B 93 1.09 -1.67 -23.79
N GLU B 94 0.27 -2.29 -24.65
CA GLU B 94 0.70 -3.46 -25.46
C GLU B 94 1.93 -3.07 -26.27
N GLU B 95 1.88 -1.96 -26.99
CA GLU B 95 2.99 -1.53 -27.88
C GLU B 95 4.26 -1.39 -27.01
N LEU B 96 4.15 -0.72 -25.87
CA LEU B 96 5.29 -0.43 -24.95
C LEU B 96 5.90 -1.74 -24.47
N LEU B 97 5.05 -2.64 -23.97
CA LEU B 97 5.53 -3.96 -23.48
C LEU B 97 6.24 -4.70 -24.63
N LEU B 98 5.66 -4.72 -25.83
CA LEU B 98 6.25 -5.40 -27.01
C LEU B 98 7.62 -4.80 -27.26
N LYS B 99 7.72 -3.48 -27.28
CA LYS B 99 8.98 -2.79 -27.63
C LYS B 99 10.05 -3.15 -26.58
N ILE B 100 9.70 -3.10 -25.30
CA ILE B 100 10.72 -3.26 -24.23
C ILE B 100 11.10 -4.75 -24.15
N HIS B 101 10.15 -5.65 -24.36
CA HIS B 101 10.40 -7.12 -24.38
C HIS B 101 11.33 -7.44 -25.56
N GLU B 102 11.04 -6.90 -26.74
CA GLU B 102 11.93 -6.96 -27.93
C GLU B 102 13.34 -6.64 -27.45
N VAL B 103 13.55 -5.45 -26.91
CA VAL B 103 14.91 -4.95 -26.56
C VAL B 103 15.54 -5.89 -25.52
N SER B 104 14.74 -6.50 -24.64
CA SER B 104 15.27 -7.39 -23.57
C SER B 104 15.83 -8.69 -24.17
N THR B 105 15.25 -9.17 -25.27
CA THR B 105 15.53 -10.54 -25.82
C THR B 105 16.58 -10.48 -26.94
N VAL B 106 16.70 -9.37 -27.66
CA VAL B 106 17.93 -9.05 -28.46
C VAL B 106 19.15 -9.27 -27.57
N SER B 107 20.29 -9.64 -28.17
CA SER B 107 21.59 -9.84 -27.49
C SER B 107 22.26 -8.48 -27.24
N HIS B 108 22.66 -8.23 -26.00
CA HIS B 108 23.48 -7.06 -25.59
C HIS B 108 24.92 -7.50 -25.35
N ALA B 109 25.29 -8.69 -25.84
CA ALA B 109 26.63 -9.30 -25.63
C ALA B 109 27.72 -8.28 -25.97
N ASP B 110 27.53 -7.47 -27.02
CA ASP B 110 28.53 -6.54 -27.61
C ASP B 110 28.38 -5.14 -27.03
N ALA B 111 27.72 -4.97 -25.88
CA ALA B 111 27.34 -3.65 -25.33
C ALA B 111 27.83 -3.46 -23.88
N ASP B 112 28.13 -2.21 -23.56
CA ASP B 112 28.63 -1.76 -22.24
C ASP B 112 27.51 -1.83 -21.20
N CYS B 113 26.32 -1.37 -21.56
CA CYS B 113 25.23 -1.12 -20.58
C CYS B 113 23.90 -0.92 -21.28
N PHE B 114 22.85 -0.65 -20.50
CA PHE B 114 21.47 -0.41 -20.98
C PHE B 114 20.86 0.72 -20.15
N VAL B 115 20.20 1.65 -20.84
CA VAL B 115 19.50 2.83 -20.26
C VAL B 115 18.04 2.74 -20.72
N CYS B 116 17.12 3.07 -19.83
CA CYS B 116 15.67 3.12 -20.13
C CYS B 116 15.12 4.34 -19.40
N VAL B 117 14.35 5.19 -20.08
CA VAL B 117 13.85 6.47 -19.49
C VAL B 117 12.34 6.55 -19.65
N PHE B 118 11.62 6.89 -18.57
CA PHE B 118 10.16 7.14 -18.60
C PHE B 118 9.92 8.60 -18.29
N LEU B 119 9.32 9.28 -19.25
CA LEU B 119 8.75 10.63 -19.12
C LEU B 119 7.24 10.46 -19.22
N SER B 120 6.57 10.36 -18.08
CA SER B 120 5.10 10.21 -18.02
C SER B 120 4.58 10.62 -16.65
N HIS B 121 3.33 10.25 -16.40
CA HIS B 121 2.69 10.25 -15.07
C HIS B 121 2.91 8.89 -14.44
N GLY B 122 2.89 8.86 -13.11
CA GLY B 122 2.96 7.61 -12.34
C GLY B 122 2.26 7.76 -11.02
N GLU B 123 2.14 6.65 -10.32
CA GLU B 123 1.50 6.52 -8.99
C GLU B 123 2.09 5.23 -8.42
N GLY B 124 2.61 5.29 -7.21
CA GLY B 124 3.06 4.09 -6.50
C GLY B 124 4.17 3.39 -7.26
N ASN B 125 3.93 2.14 -7.64
CA ASN B 125 4.93 1.32 -8.35
C ASN B 125 4.55 1.25 -9.83
N HIS B 126 3.83 2.25 -10.33
CA HIS B 126 3.30 2.27 -11.71
C HIS B 126 3.77 3.48 -12.48
N ILE B 127 4.06 3.26 -13.77
CA ILE B 127 4.23 4.30 -14.82
C ILE B 127 2.99 4.26 -15.71
N TYR B 128 2.57 5.40 -16.25
CA TYR B 128 1.43 5.48 -17.20
C TYR B 128 1.95 5.41 -18.65
N ALA B 129 1.47 4.41 -19.37
CA ALA B 129 1.39 4.41 -20.84
C ALA B 129 0.22 5.33 -21.23
N TYR B 130 -0.05 5.44 -22.52
CA TYR B 130 -1.18 6.23 -23.05
C TYR B 130 -2.50 5.76 -22.43
N ASP B 131 -2.70 4.44 -22.28
CA ASP B 131 -4.06 3.89 -22.05
C ASP B 131 -4.19 3.26 -20.66
N ALA B 132 -3.10 2.92 -19.99
CA ALA B 132 -3.15 2.27 -18.66
C ALA B 132 -1.78 2.27 -18.00
N LYS B 133 -1.74 1.90 -16.73
CA LYS B 133 -0.49 1.96 -15.92
C LYS B 133 0.17 0.59 -15.99
N ILE B 134 1.48 0.58 -15.85
CA ILE B 134 2.31 -0.64 -15.94
C ILE B 134 3.21 -0.69 -14.72
N GLU B 135 3.31 -1.88 -14.15
CA GLU B 135 4.12 -2.18 -12.96
C GLU B 135 5.60 -1.99 -13.33
N ILE B 136 6.27 -0.98 -12.77
CA ILE B 136 7.73 -0.75 -12.99
C ILE B 136 8.51 -2.07 -12.78
N GLN B 137 8.19 -2.82 -11.73
CA GLN B 137 8.77 -4.15 -11.41
C GLN B 137 8.83 -5.02 -12.67
N THR B 138 7.76 -5.08 -13.47
CA THR B 138 7.68 -5.99 -14.63
C THR B 138 8.61 -5.48 -15.75
N LEU B 139 8.76 -4.15 -15.90
CA LEU B 139 9.70 -3.55 -16.89
C LEU B 139 11.15 -3.82 -16.51
N THR B 140 11.55 -3.54 -15.27
CA THR B 140 12.95 -3.75 -14.79
C THR B 140 13.26 -5.25 -14.73
N GLY B 141 12.24 -6.07 -14.45
CA GLY B 141 12.37 -7.54 -14.35
C GLY B 141 12.88 -8.19 -15.62
N LEU B 142 12.60 -7.59 -16.77
CA LEU B 142 12.97 -8.17 -18.08
C LEU B 142 14.48 -8.12 -18.28
N PHE B 143 15.21 -7.34 -17.48
CA PHE B 143 16.69 -7.19 -17.60
C PHE B 143 17.45 -7.81 -16.41
N LYS B 144 16.74 -8.34 -15.40
CA LYS B 144 17.31 -9.08 -14.23
C LYS B 144 18.18 -10.19 -14.81
N GLY B 145 19.45 -10.35 -14.40
CA GLY B 145 20.38 -11.35 -14.93
C GLY B 145 19.71 -12.68 -15.33
N ASP B 146 18.79 -13.17 -14.50
CA ASP B 146 17.98 -14.40 -14.78
C ASP B 146 17.47 -14.33 -16.23
N LYS B 147 16.65 -13.32 -16.56
CA LYS B 147 15.82 -13.21 -17.79
C LYS B 147 16.64 -12.72 -19.00
N CYS B 148 17.77 -12.05 -18.82
CA CYS B 148 18.52 -11.37 -19.92
C CYS B 148 20.03 -11.53 -19.69
N HIS B 149 20.58 -12.65 -20.18
CA HIS B 149 21.96 -13.12 -19.88
C HIS B 149 22.98 -12.11 -20.39
N SER B 150 22.75 -11.47 -21.54
CA SER B 150 23.76 -10.60 -22.19
C SER B 150 24.07 -9.35 -21.33
N LEU B 151 23.24 -9.05 -20.33
CA LEU B 151 23.40 -7.81 -19.51
C LEU B 151 23.81 -8.14 -18.07
N VAL B 152 23.89 -9.42 -17.70
CA VAL B 152 24.51 -9.85 -16.41
C VAL B 152 25.86 -9.14 -16.25
N GLY B 153 26.10 -8.52 -15.09
CA GLY B 153 27.37 -7.87 -14.73
C GLY B 153 27.54 -6.53 -15.40
N LYS B 154 26.51 -6.04 -16.11
CA LYS B 154 26.56 -4.75 -16.84
C LYS B 154 25.55 -3.78 -16.24
N PRO B 155 25.91 -2.48 -16.11
CA PRO B 155 24.98 -1.48 -15.57
C PRO B 155 23.65 -1.42 -16.31
N LYS B 156 22.53 -1.45 -15.60
CA LYS B 156 21.17 -1.20 -16.14
C LYS B 156 20.60 0.07 -15.46
N ILE B 157 20.70 1.23 -16.12
CA ILE B 157 20.23 2.53 -15.57
C ILE B 157 18.80 2.78 -16.03
N PHE B 158 17.86 2.95 -15.09
CA PHE B 158 16.52 3.52 -15.35
C PHE B 158 16.45 4.94 -14.80
N ILE B 159 15.97 5.87 -15.62
CA ILE B 159 15.69 7.28 -15.23
C ILE B 159 14.19 7.52 -15.35
N ILE B 160 13.57 7.96 -14.27
CA ILE B 160 12.09 8.06 -14.16
C ILE B 160 11.72 9.49 -13.79
N GLN B 161 11.01 10.19 -14.69
CA GLN B 161 10.48 11.56 -14.49
C GLN B 161 8.96 11.43 -14.54
N ALA B 162 8.39 10.97 -13.43
CA ALA B 162 6.95 10.68 -13.28
C ALA B 162 6.44 11.21 -11.95
N ALA B 163 5.19 11.66 -11.94
CA ALA B 163 4.51 12.22 -10.74
C ALA B 163 3.01 12.26 -11.00
N ARG B 164 2.25 12.79 -10.04
CA ARG B 164 0.77 12.81 -10.03
C ARG B 164 0.26 13.88 -11.01
N GLY B 165 -0.67 13.50 -11.88
CA GLY B 165 -1.37 14.43 -12.78
C GLY B 165 -2.19 15.46 -12.02
N ASN B 166 -1.79 16.74 -12.11
CA ASN B 166 -2.51 17.90 -11.55
C ASN B 166 -3.79 18.12 -12.37
N THR B 187 3.82 32.26 -21.53
CA THR B 187 4.23 31.38 -22.66
C THR B 187 4.95 30.12 -22.11
N ASN B 188 6.05 30.29 -21.36
CA ASN B 188 6.77 29.22 -20.62
C ASN B 188 6.36 29.24 -19.14
N ILE B 189 5.28 28.55 -18.78
CA ILE B 189 4.78 28.42 -17.38
C ILE B 189 5.52 27.26 -16.72
N THR B 190 5.72 27.33 -15.40
CA THR B 190 6.26 26.22 -14.55
C THR B 190 5.08 25.50 -13.89
N GLU B 191 4.71 24.28 -14.35
CA GLU B 191 3.66 23.44 -13.71
C GLU B 191 4.34 22.58 -12.64
N VAL B 192 3.63 22.29 -11.54
CA VAL B 192 4.22 21.60 -10.35
C VAL B 192 3.32 20.42 -9.96
N ASP B 193 3.90 19.22 -9.95
CA ASP B 193 3.23 17.94 -9.59
C ASP B 193 3.80 17.47 -8.25
N ALA B 194 2.97 16.82 -7.44
CA ALA B 194 3.38 16.15 -6.19
C ALA B 194 4.08 14.84 -6.52
N ALA B 195 5.19 14.54 -5.84
CA ALA B 195 5.87 13.24 -5.91
C ALA B 195 4.84 12.13 -5.74
N SER B 196 4.89 11.05 -6.52
CA SER B 196 3.93 9.93 -6.39
C SER B 196 4.58 8.57 -6.62
N VAL B 197 5.67 8.49 -7.39
CA VAL B 197 6.28 7.19 -7.79
C VAL B 197 7.26 6.76 -6.71
N TYR B 198 7.08 5.56 -6.19
CA TYR B 198 7.97 4.99 -5.15
C TYR B 198 9.39 4.97 -5.71
N THR B 199 10.39 5.34 -4.91
CA THR B 199 11.82 5.33 -5.28
C THR B 199 12.37 3.90 -5.12
N LEU B 200 11.75 2.97 -5.85
CA LEU B 200 12.01 1.51 -5.83
C LEU B 200 13.46 1.23 -6.18
N PRO B 201 14.04 0.18 -5.56
CA PRO B 201 15.28 -0.38 -6.04
C PRO B 201 14.93 -1.31 -7.20
N ALA B 202 15.91 -1.93 -7.83
CA ALA B 202 15.70 -3.13 -8.66
C ALA B 202 16.62 -4.23 -8.13
N GLY B 203 17.42 -4.86 -8.99
CA GLY B 203 18.34 -5.94 -8.62
C GLY B 203 19.80 -5.56 -8.80
N ALA B 204 20.68 -6.56 -8.78
CA ALA B 204 22.13 -6.35 -8.90
C ALA B 204 22.40 -5.60 -10.20
N ASP B 205 23.23 -4.56 -10.10
CA ASP B 205 23.82 -3.82 -11.23
C ASP B 205 22.76 -2.91 -11.86
N PHE B 206 21.66 -2.67 -11.15
CA PHE B 206 20.66 -1.61 -11.50
C PHE B 206 20.96 -0.31 -10.77
N LEU B 207 20.83 0.82 -11.48
CA LEU B 207 20.77 2.19 -10.90
C LEU B 207 19.41 2.79 -11.23
N MET B 208 18.51 2.91 -10.25
CA MET B 208 17.19 3.57 -10.44
C MET B 208 17.33 5.05 -10.06
N CYS B 209 16.98 5.97 -10.97
CA CYS B 209 17.13 7.45 -10.83
C CYS B 209 15.76 8.13 -10.89
N TYR B 210 15.47 9.02 -9.94
CA TYR B 210 14.10 9.54 -9.72
C TYR B 210 14.11 11.07 -9.67
N SER B 211 13.21 11.68 -10.45
CA SER B 211 12.95 13.14 -10.56
C SER B 211 12.77 13.80 -9.19
N VAL B 212 12.20 13.09 -8.21
CA VAL B 212 11.69 13.67 -6.93
C VAL B 212 11.51 12.54 -5.91
N ALA B 213 11.81 12.80 -4.64
CA ALA B 213 11.59 11.86 -3.52
C ALA B 213 10.23 12.13 -2.87
N GLU B 214 9.74 11.19 -2.04
CA GLU B 214 8.47 11.31 -1.28
C GLU B 214 8.45 12.62 -0.49
N GLY B 215 7.29 13.28 -0.44
CA GLY B 215 7.10 14.56 0.29
C GLY B 215 7.41 15.78 -0.55
N TYR B 216 8.37 15.71 -1.47
CA TYR B 216 8.79 16.86 -2.32
C TYR B 216 7.91 16.94 -3.58
N TYR B 217 8.31 17.81 -4.52
CA TYR B 217 7.48 18.23 -5.69
C TYR B 217 8.33 18.29 -6.97
N SER B 218 7.77 17.80 -8.08
CA SER B 218 8.41 17.83 -9.43
C SER B 218 7.92 19.04 -10.22
N HIS B 219 8.85 19.79 -10.81
CA HIS B 219 8.62 21.01 -11.62
C HIS B 219 8.87 20.71 -13.10
N ARG B 220 8.00 21.19 -13.98
CA ARG B 220 8.17 21.14 -15.46
C ARG B 220 7.85 22.51 -16.07
N GLU B 221 8.85 23.14 -16.70
CA GLU B 221 8.69 24.35 -17.55
C GLU B 221 8.09 23.84 -18.87
N THR B 222 7.09 24.51 -19.44
CA THR B 222 6.27 23.99 -20.57
C THR B 222 7.02 24.12 -21.90
N VAL B 223 8.18 24.79 -21.90
CA VAL B 223 9.04 24.92 -23.11
C VAL B 223 10.41 24.32 -22.80
N ASN B 224 10.98 24.60 -21.63
CA ASN B 224 12.36 24.13 -21.25
C ASN B 224 12.34 22.69 -20.73
N GLY B 225 11.22 22.26 -20.16
CA GLY B 225 11.01 20.88 -19.67
C GLY B 225 11.23 20.75 -18.18
N SER B 226 11.29 19.51 -17.71
CA SER B 226 11.41 19.14 -16.28
C SER B 226 12.72 19.69 -15.69
N TRP B 227 12.69 20.19 -14.45
CA TRP B 227 13.89 20.70 -13.76
C TRP B 227 14.91 19.57 -13.66
N TYR B 228 14.48 18.37 -13.22
CA TYR B 228 15.35 17.16 -13.10
C TYR B 228 16.15 17.00 -14.38
N ILE B 229 15.44 16.91 -15.50
CA ILE B 229 16.00 16.52 -16.82
C ILE B 229 16.89 17.64 -17.33
N GLN B 230 16.51 18.90 -17.08
CA GLN B 230 17.31 20.06 -17.52
C GLN B 230 18.70 19.93 -16.87
N ASP B 231 18.72 19.75 -15.54
CA ASP B 231 19.98 19.76 -14.76
C ASP B 231 20.74 18.45 -15.04
N LEU B 232 20.03 17.34 -15.19
CA LEU B 232 20.66 16.05 -15.59
C LEU B 232 21.42 16.25 -16.90
N CYS B 233 20.73 16.75 -17.93
CA CYS B 233 21.26 16.93 -19.31
C CYS B 233 22.42 17.93 -19.29
N GLU B 234 22.30 19.02 -18.54
CA GLU B 234 23.41 20.02 -18.41
C GLU B 234 24.65 19.28 -17.89
N MET B 235 24.49 18.53 -16.80
CA MET B 235 25.63 17.83 -16.14
C MET B 235 26.19 16.75 -17.06
N LEU B 236 25.34 15.98 -17.73
CA LEU B 236 25.77 15.04 -18.81
C LEU B 236 26.60 15.81 -19.84
N GLY B 237 26.07 16.92 -20.34
CA GLY B 237 26.76 17.84 -21.26
C GLY B 237 28.16 18.18 -20.79
N LYS B 238 28.31 18.68 -19.56
CA LYS B 238 29.63 19.15 -19.07
C LYS B 238 30.51 17.97 -18.67
N TYR B 239 29.97 16.93 -18.04
CA TYR B 239 30.79 15.96 -17.25
C TYR B 239 30.56 14.51 -17.65
N GLY B 240 29.52 14.16 -18.42
CA GLY B 240 29.17 12.76 -18.77
C GLY B 240 30.41 11.88 -18.99
N SER B 241 31.31 12.35 -19.84
CA SER B 241 32.48 11.59 -20.35
C SER B 241 33.60 11.52 -19.31
N SER B 242 33.74 12.52 -18.43
CA SER B 242 34.81 12.55 -17.39
C SER B 242 34.37 11.85 -16.09
N LEU B 243 33.28 12.30 -15.45
CA LEU B 243 32.87 11.92 -14.07
C LEU B 243 32.26 10.52 -14.04
N GLU B 244 32.37 9.90 -12.86
CA GLU B 244 31.62 8.68 -12.44
C GLU B 244 30.15 9.06 -12.34
N PHE B 245 29.25 8.18 -12.76
CA PHE B 245 27.84 8.55 -13.06
C PHE B 245 27.11 8.93 -11.77
N THR B 246 27.35 8.25 -10.64
CA THR B 246 26.67 8.56 -9.36
C THR B 246 27.23 9.88 -8.82
N GLU B 247 28.50 10.21 -9.07
CA GLU B 247 29.09 11.52 -8.70
C GLU B 247 28.29 12.61 -9.38
N LEU B 248 27.95 12.36 -10.65
CA LEU B 248 27.19 13.27 -11.53
C LEU B 248 25.75 13.37 -11.00
N LEU B 249 25.09 12.23 -10.77
CA LEU B 249 23.71 12.19 -10.24
C LEU B 249 23.64 13.02 -8.94
N THR B 250 24.73 12.99 -8.15
CA THR B 250 24.89 13.77 -6.90
C THR B 250 24.90 15.27 -7.25
N LEU B 251 25.65 15.68 -8.28
CA LEU B 251 25.65 17.09 -8.77
C LEU B 251 24.22 17.49 -9.14
N VAL B 252 23.48 16.59 -9.80
CA VAL B 252 22.09 16.87 -10.22
C VAL B 252 21.25 17.14 -8.96
N ASN B 253 21.40 16.32 -7.93
CA ASN B 253 20.70 16.51 -6.63
C ASN B 253 21.02 17.91 -6.10
N ARG B 254 22.28 18.33 -6.09
CA ARG B 254 22.65 19.68 -5.60
C ARG B 254 21.90 20.72 -6.44
N LYS B 255 22.08 20.66 -7.76
CA LYS B 255 21.54 21.69 -8.69
C LYS B 255 20.03 21.80 -8.50
N VAL B 256 19.31 20.68 -8.44
CA VAL B 256 17.83 20.71 -8.35
C VAL B 256 17.38 21.17 -6.96
N SER B 257 18.07 20.76 -5.90
CA SER B 257 17.68 21.10 -4.50
C SER B 257 17.85 22.62 -4.31
N GLN B 258 18.89 23.18 -4.94
CA GLN B 258 19.26 24.62 -4.87
C GLN B 258 18.29 25.52 -5.65
N ARG B 259 17.48 25.02 -6.59
CA ARG B 259 16.50 25.90 -7.30
C ARG B 259 15.59 26.56 -6.28
N ARG B 260 15.59 27.89 -6.24
CA ARG B 260 14.78 28.73 -5.31
C ARG B 260 13.30 28.51 -5.63
N VAL B 261 12.45 28.44 -4.60
CA VAL B 261 10.97 28.39 -4.75
C VAL B 261 10.31 29.37 -3.75
N ASP B 262 10.96 30.50 -3.44
CA ASP B 262 10.46 31.52 -2.46
C ASP B 262 9.61 32.57 -3.19
N PHE B 263 10.15 33.24 -4.23
CA PHE B 263 9.43 34.27 -5.03
C PHE B 263 8.94 33.62 -6.33
N CYS B 264 7.66 33.16 -6.36
CA CYS B 264 7.04 32.40 -7.49
C CYS B 264 5.84 33.15 -8.08
N LYS B 265 5.66 33.03 -9.41
CA LYS B 265 4.57 33.67 -10.20
C LYS B 265 3.21 33.25 -9.64
N ASP B 266 3.01 31.94 -9.48
CA ASP B 266 1.85 31.34 -8.79
C ASP B 266 2.09 31.49 -7.28
N PRO B 267 1.13 32.06 -6.50
CA PRO B 267 1.28 32.14 -5.04
C PRO B 267 1.44 30.77 -4.34
N SER B 268 0.72 29.74 -4.80
CA SER B 268 0.56 28.41 -4.14
C SER B 268 1.65 27.41 -4.56
N ALA B 269 2.60 27.83 -5.39
CA ALA B 269 3.78 27.02 -5.81
C ALA B 269 4.97 27.34 -4.88
N ILE B 270 4.79 28.26 -3.93
CA ILE B 270 5.85 28.73 -2.99
C ILE B 270 6.10 27.63 -1.94
N GLY B 271 7.36 27.39 -1.59
CA GLY B 271 7.76 26.43 -0.54
C GLY B 271 7.64 24.98 -0.99
N LYS B 272 7.45 24.76 -2.29
CA LYS B 272 7.34 23.40 -2.89
C LYS B 272 8.72 23.01 -3.43
N LYS B 273 9.61 22.49 -2.59
CA LYS B 273 11.02 22.23 -2.98
C LYS B 273 11.06 20.92 -3.77
N GLN B 274 12.06 20.76 -4.64
CA GLN B 274 12.30 19.50 -5.40
C GLN B 274 13.64 18.93 -4.96
N VAL B 275 13.63 17.68 -4.49
CA VAL B 275 14.85 16.89 -4.18
C VAL B 275 14.77 15.54 -4.88
N PRO B 276 15.59 15.30 -5.91
CA PRO B 276 15.60 14.01 -6.58
C PRO B 276 16.55 13.07 -5.82
N CYS B 277 16.35 11.76 -5.94
CA CYS B 277 17.26 10.73 -5.38
C CYS B 277 17.70 9.72 -6.45
N PHE B 278 18.53 8.78 -6.02
CA PHE B 278 18.81 7.54 -6.78
C PHE B 278 19.05 6.37 -5.83
N ALA B 279 18.70 5.18 -6.32
CA ALA B 279 18.86 3.89 -5.64
C ALA B 279 19.90 3.06 -6.41
N SER B 280 21.15 3.01 -5.90
CA SER B 280 22.30 2.26 -6.49
C SER B 280 22.25 0.82 -5.96
N MET B 281 22.31 -0.15 -6.86
CA MET B 281 22.72 -1.54 -6.56
C MET B 281 23.86 -1.88 -7.50
N LEU B 282 24.56 -0.84 -7.93
CA LEU B 282 25.82 -0.98 -8.67
C LEU B 282 26.86 -1.62 -7.73
N THR B 283 27.86 -2.25 -8.33
CA THR B 283 28.88 -3.05 -7.64
C THR B 283 30.26 -2.57 -8.05
N LYS B 284 30.35 -1.58 -8.96
CA LYS B 284 31.62 -1.05 -9.48
C LYS B 284 31.39 0.42 -9.82
N LYS B 285 32.46 1.15 -10.11
CA LYS B 285 32.37 2.55 -10.58
C LYS B 285 31.88 2.51 -12.04
N LEU B 286 31.10 3.52 -12.44
CA LEU B 286 30.47 3.61 -13.78
C LEU B 286 30.95 4.89 -14.46
N HIS B 287 31.75 4.75 -15.51
CA HIS B 287 32.28 5.88 -16.33
C HIS B 287 31.87 5.68 -17.79
N PHE B 288 31.54 6.80 -18.45
CA PHE B 288 31.14 6.85 -19.88
C PHE B 288 32.26 7.55 -20.66
N PHE B 289 33.49 7.07 -20.50
CA PHE B 289 34.67 7.62 -21.22
C PHE B 289 34.40 7.53 -22.70
N PRO B 290 34.96 8.45 -23.52
CA PRO B 290 34.70 8.45 -24.96
C PRO B 290 35.20 7.11 -25.53
N LYS B 291 34.43 6.44 -26.39
CA LYS B 291 34.89 5.19 -27.05
C LYS B 291 35.65 5.60 -28.32
N SER B 292 36.68 4.86 -28.72
CA SER B 292 37.42 5.13 -29.99
C SER B 292 36.65 4.47 -31.15
N ASN B 293 36.64 5.13 -32.33
CA ASN B 293 35.74 4.81 -33.47
C ASN B 293 34.29 4.67 -32.96
N MET C 30 -40.69 10.74 11.44
CA MET C 30 -41.05 10.26 10.05
C MET C 30 -40.19 9.05 9.67
N PHE C 31 -39.16 8.71 10.46
CA PHE C 31 -38.06 7.75 10.15
C PHE C 31 -38.59 6.30 10.21
N ASP C 32 -38.10 5.43 9.33
CA ASP C 32 -38.69 4.08 9.13
C ASP C 32 -37.61 3.00 9.11
N PRO C 33 -37.58 2.09 10.10
CA PRO C 33 -36.58 1.01 10.13
C PRO C 33 -36.65 -0.05 9.02
N ALA C 34 -37.77 -0.13 8.31
CA ALA C 34 -38.06 -1.18 7.32
C ALA C 34 -37.94 -0.62 5.90
N GLU C 35 -37.40 0.59 5.76
CA GLU C 35 -37.46 1.39 4.51
C GLU C 35 -36.62 0.68 3.45
N LYS C 36 -37.16 0.61 2.24
CA LYS C 36 -36.60 -0.10 1.06
C LYS C 36 -36.22 0.93 -0.02
N TYR C 37 -35.18 0.65 -0.80
CA TYR C 37 -34.91 1.36 -2.07
C TYR C 37 -36.18 1.18 -2.90
N LYS C 38 -36.60 2.24 -3.60
CA LYS C 38 -37.75 2.19 -4.52
C LYS C 38 -37.34 1.37 -5.76
N MET C 39 -38.01 0.22 -5.95
CA MET C 39 -37.71 -0.73 -7.03
C MET C 39 -38.95 -0.86 -7.92
N ASP C 40 -39.63 0.27 -8.16
CA ASP C 40 -40.91 0.40 -8.92
C ASP C 40 -40.71 1.28 -10.17
N HIS C 41 -39.47 1.52 -10.61
CA HIS C 41 -39.16 2.25 -11.88
C HIS C 41 -39.60 1.38 -13.06
N ARG C 42 -39.73 1.94 -14.26
CA ARG C 42 -40.32 1.20 -15.41
C ARG C 42 -39.48 -0.05 -15.68
N ARG C 43 -38.14 0.09 -15.79
CA ARG C 43 -37.19 -1.04 -16.04
C ARG C 43 -36.35 -1.27 -14.77
N ARG C 44 -35.85 -2.50 -14.58
CA ARG C 44 -34.97 -2.87 -13.43
C ARG C 44 -33.62 -2.17 -13.58
N GLY C 45 -32.97 -2.34 -14.74
CA GLY C 45 -31.69 -1.67 -15.06
C GLY C 45 -30.73 -2.57 -15.82
N ILE C 46 -29.51 -2.07 -16.04
CA ILE C 46 -28.47 -2.83 -16.78
C ILE C 46 -27.62 -3.65 -15.81
N ALA C 47 -27.33 -4.90 -16.17
CA ALA C 47 -26.23 -5.70 -15.58
C ALA C 47 -25.09 -5.78 -16.61
N LEU C 48 -24.00 -5.06 -16.39
CA LEU C 48 -22.73 -5.25 -17.15
C LEU C 48 -22.04 -6.51 -16.65
N ILE C 49 -21.46 -7.28 -17.57
CA ILE C 49 -20.54 -8.41 -17.25
C ILE C 49 -19.32 -8.32 -18.16
N PHE C 50 -18.19 -7.89 -17.60
CA PHE C 50 -16.87 -7.96 -18.25
C PHE C 50 -16.26 -9.34 -17.92
N ASN C 51 -16.05 -10.15 -18.94
CA ASN C 51 -15.69 -11.58 -18.77
C ASN C 51 -14.36 -11.83 -19.46
N HIS C 52 -13.29 -12.04 -18.71
CA HIS C 52 -11.90 -12.22 -19.21
C HIS C 52 -11.45 -13.68 -19.03
N GLU C 53 -11.11 -14.33 -20.14
CA GLU C 53 -10.72 -15.76 -20.22
C GLU C 53 -9.22 -15.89 -20.53
N ARG C 54 -8.70 -15.06 -21.44
CA ARG C 54 -7.28 -15.02 -21.86
C ARG C 54 -6.76 -13.61 -21.63
N PHE C 55 -5.43 -13.47 -21.68
CA PHE C 55 -4.73 -12.18 -21.49
C PHE C 55 -3.53 -12.12 -22.43
N PHE C 56 -3.21 -10.91 -22.89
CA PHE C 56 -1.95 -10.54 -23.59
C PHE C 56 -0.79 -11.39 -23.08
N TRP C 57 0.03 -11.96 -23.98
CA TRP C 57 1.13 -12.88 -23.60
C TRP C 57 1.97 -12.23 -22.48
N HIS C 58 2.42 -10.98 -22.68
CA HIS C 58 3.52 -10.33 -21.90
C HIS C 58 3.04 -9.90 -20.51
N LEU C 59 1.85 -10.35 -20.07
CA LEU C 59 1.35 -10.20 -18.68
C LEU C 59 1.60 -11.49 -17.88
N THR C 60 1.80 -12.61 -18.58
CA THR C 60 2.02 -13.95 -17.96
C THR C 60 0.92 -14.19 -16.91
N LEU C 61 -0.33 -14.23 -17.36
CA LEU C 61 -1.52 -14.60 -16.55
C LEU C 61 -2.18 -15.79 -17.23
N PRO C 62 -2.62 -16.80 -16.46
CA PRO C 62 -3.26 -17.97 -17.04
C PRO C 62 -4.68 -17.75 -17.57
N GLU C 63 -5.04 -18.50 -18.63
CA GLU C 63 -6.44 -18.72 -19.06
C GLU C 63 -7.29 -19.02 -17.82
N ARG C 64 -8.45 -18.39 -17.73
CA ARG C 64 -9.44 -18.63 -16.68
C ARG C 64 -10.47 -19.60 -17.28
N ARG C 65 -10.08 -20.85 -17.51
CA ARG C 65 -10.98 -21.88 -18.12
C ARG C 65 -12.15 -22.13 -17.15
N GLY C 66 -13.38 -21.85 -17.58
CA GLY C 66 -14.60 -22.00 -16.77
C GLY C 66 -15.36 -20.69 -16.65
N THR C 67 -14.69 -19.57 -16.89
CA THR C 67 -15.29 -18.23 -16.68
C THR C 67 -16.54 -18.11 -17.55
N CYS C 68 -16.65 -18.87 -18.64
CA CYS C 68 -17.80 -18.73 -19.58
C CYS C 68 -19.05 -19.31 -18.92
N ALA C 69 -18.89 -20.32 -18.05
CA ALA C 69 -20.01 -20.88 -17.27
C ALA C 69 -20.52 -19.81 -16.30
N ASP C 70 -19.59 -19.13 -15.63
CA ASP C 70 -19.91 -17.99 -14.73
C ASP C 70 -20.74 -16.98 -15.54
N ARG C 71 -20.22 -16.56 -16.68
CA ARG C 71 -20.83 -15.49 -17.50
C ARG C 71 -22.27 -15.91 -17.84
N ASP C 72 -22.47 -17.15 -18.28
CA ASP C 72 -23.78 -17.65 -18.76
C ASP C 72 -24.73 -17.77 -17.56
N ASN C 73 -24.31 -18.47 -16.50
CA ASN C 73 -25.09 -18.62 -15.24
C ASN C 73 -25.55 -17.24 -14.73
N LEU C 74 -24.64 -16.28 -14.60
CA LEU C 74 -24.99 -14.89 -14.17
C LEU C 74 -26.02 -14.33 -15.14
N THR C 75 -25.73 -14.38 -16.45
CA THR C 75 -26.58 -13.77 -17.50
C THR C 75 -28.03 -14.24 -17.29
N ARG C 76 -28.22 -15.55 -17.10
CA ARG C 76 -29.57 -16.14 -16.88
C ARG C 76 -30.19 -15.49 -15.64
N ARG C 77 -29.52 -15.60 -14.50
CA ARG C 77 -30.12 -15.29 -13.19
C ARG C 77 -30.52 -13.82 -13.11
N PHE C 78 -29.72 -12.95 -13.72
CA PHE C 78 -29.94 -11.49 -13.71
C PHE C 78 -31.08 -11.14 -14.68
N SER C 79 -31.10 -11.75 -15.86
CA SER C 79 -32.25 -11.73 -16.80
C SER C 79 -33.54 -11.99 -16.01
N ASP C 80 -33.60 -13.12 -15.32
CA ASP C 80 -34.81 -13.58 -14.58
C ASP C 80 -35.25 -12.53 -13.55
N LEU C 81 -34.35 -11.64 -13.11
CA LEU C 81 -34.71 -10.61 -12.08
C LEU C 81 -35.08 -9.29 -12.76
N GLY C 82 -35.05 -9.24 -14.08
CA GLY C 82 -35.54 -8.10 -14.86
C GLY C 82 -34.41 -7.29 -15.47
N PHE C 83 -33.17 -7.77 -15.36
CA PHE C 83 -31.98 -6.99 -15.79
C PHE C 83 -31.81 -7.14 -17.29
N GLU C 84 -31.50 -6.02 -17.96
CA GLU C 84 -30.94 -5.97 -19.34
C GLU C 84 -29.45 -6.33 -19.23
N VAL C 85 -29.12 -7.61 -19.33
CA VAL C 85 -27.72 -8.12 -19.18
C VAL C 85 -26.94 -7.78 -20.44
N LYS C 86 -25.71 -7.28 -20.32
CA LYS C 86 -24.85 -6.97 -21.49
C LYS C 86 -23.44 -7.48 -21.18
N CYS C 87 -23.03 -8.60 -21.80
CA CYS C 87 -21.71 -9.24 -21.61
C CYS C 87 -20.69 -8.63 -22.58
N PHE C 88 -19.40 -8.72 -22.25
CA PHE C 88 -18.27 -8.22 -23.07
C PHE C 88 -17.02 -9.08 -22.81
N ASN C 89 -16.67 -9.88 -23.83
CA ASN C 89 -15.58 -10.89 -23.73
C ASN C 89 -14.25 -10.25 -24.09
N ASP C 90 -13.29 -10.31 -23.16
CA ASP C 90 -11.85 -10.04 -23.34
C ASP C 90 -11.61 -8.66 -23.96
N LEU C 91 -12.27 -7.62 -23.46
CA LEU C 91 -12.01 -6.24 -23.91
C LEU C 91 -10.60 -5.83 -23.47
N LYS C 92 -9.93 -5.00 -24.26
CA LYS C 92 -8.69 -4.30 -23.86
C LYS C 92 -9.07 -3.11 -22.98
N ALA C 93 -8.11 -2.47 -22.33
CA ALA C 93 -8.38 -1.40 -21.34
C ALA C 93 -9.28 -0.35 -22.01
N GLU C 94 -8.84 0.19 -23.14
CA GLU C 94 -9.55 1.32 -23.81
C GLU C 94 -10.99 0.89 -24.10
N GLU C 95 -11.19 -0.27 -24.72
CA GLU C 95 -12.55 -0.73 -25.10
C GLU C 95 -13.42 -0.77 -23.84
N LEU C 96 -12.89 -1.36 -22.76
CA LEU C 96 -13.63 -1.55 -21.48
C LEU C 96 -14.01 -0.19 -20.91
N LEU C 97 -13.05 0.72 -20.81
CA LEU C 97 -13.31 2.08 -20.29
C LEU C 97 -14.38 2.76 -21.15
N LEU C 98 -14.26 2.69 -22.47
CA LEU C 98 -15.26 3.30 -23.41
C LEU C 98 -16.63 2.71 -23.10
N LYS C 99 -16.73 1.39 -22.99
CA LYS C 99 -18.02 0.72 -22.78
C LYS C 99 -18.63 1.18 -21.46
N ILE C 100 -17.84 1.21 -20.39
CA ILE C 100 -18.41 1.47 -19.05
C ILE C 100 -18.72 2.98 -18.94
N HIS C 101 -17.89 3.84 -19.54
CA HIS C 101 -18.13 5.31 -19.59
C HIS C 101 -19.44 5.57 -20.35
N GLU C 102 -19.60 4.93 -21.51
CA GLU C 102 -20.87 4.94 -22.28
C GLU C 102 -22.01 4.70 -21.29
N VAL C 103 -22.01 3.54 -20.65
CA VAL C 103 -23.14 3.11 -19.78
C VAL C 103 -23.34 4.15 -18.65
N SER C 104 -22.28 4.78 -18.18
CA SER C 104 -22.36 5.75 -17.05
C SER C 104 -23.09 7.03 -17.49
N THR C 105 -22.97 7.42 -18.77
CA THR C 105 -23.42 8.75 -19.28
C THR C 105 -24.81 8.66 -19.93
N VAL C 106 -25.20 7.51 -20.46
CA VAL C 106 -26.63 7.16 -20.73
C VAL C 106 -27.44 7.45 -19.45
N SER C 107 -28.73 7.80 -19.60
CA SER C 107 -29.67 8.06 -18.47
C SER C 107 -30.20 6.73 -17.93
N HIS C 108 -30.12 6.54 -16.61
CA HIS C 108 -30.75 5.43 -15.84
C HIS C 108 -31.99 5.95 -15.09
N ALA C 109 -32.50 7.12 -15.49
CA ALA C 109 -33.61 7.81 -14.79
C ALA C 109 -34.78 6.83 -14.57
N ASP C 110 -35.07 5.96 -15.54
CA ASP C 110 -36.26 5.06 -15.53
C ASP C 110 -35.89 3.66 -15.03
N ALA C 111 -34.83 3.55 -14.23
CA ALA C 111 -34.27 2.26 -13.76
C ALA C 111 -34.14 2.21 -12.22
N ASP C 112 -34.28 0.99 -11.69
CA ASP C 112 -34.23 0.68 -10.24
C ASP C 112 -32.80 0.80 -9.71
N CYS C 113 -31.83 0.27 -10.46
CA CYS C 113 -30.45 0.07 -9.96
C CYS C 113 -29.50 -0.22 -11.11
N PHE C 114 -28.24 -0.50 -10.76
CA PHE C 114 -27.16 -0.85 -11.72
C PHE C 114 -26.29 -1.92 -11.10
N VAL C 115 -25.96 -2.93 -11.91
CA VAL C 115 -25.07 -4.07 -11.54
C VAL C 115 -23.92 -4.07 -12.53
N CYS C 116 -22.72 -4.36 -12.04
CA CYS C 116 -21.50 -4.51 -12.86
C CYS C 116 -20.73 -5.68 -12.29
N VAL C 117 -20.29 -6.61 -13.14
CA VAL C 117 -19.58 -7.85 -12.69
C VAL C 117 -18.24 -7.95 -13.42
N PHE C 118 -17.16 -8.22 -12.69
CA PHE C 118 -15.83 -8.54 -13.25
C PHE C 118 -15.52 -10.00 -12.96
N LEU C 119 -15.32 -10.74 -14.03
CA LEU C 119 -14.74 -12.10 -14.02
C LEU C 119 -13.37 -11.96 -14.70
N SER C 120 -12.32 -11.81 -13.90
CA SER C 120 -10.93 -11.67 -14.39
C SER C 120 -9.93 -12.01 -13.28
N HIS C 121 -8.68 -11.64 -13.53
CA HIS C 121 -7.61 -11.56 -12.52
C HIS C 121 -7.57 -10.14 -11.95
N GLY C 122 -7.03 -9.98 -10.75
CA GLY C 122 -6.81 -8.69 -10.09
C GLY C 122 -5.64 -8.74 -9.14
N GLU C 123 -5.27 -7.58 -8.61
CA GLU C 123 -4.17 -7.36 -7.65
C GLU C 123 -4.49 -6.03 -6.98
N GLY C 124 -4.49 -5.98 -5.66
CA GLY C 124 -4.65 -4.72 -4.91
C GLY C 124 -5.96 -4.05 -5.24
N ASN C 125 -5.91 -2.84 -5.79
CA ASN C 125 -7.15 -2.08 -6.13
C ASN C 125 -7.31 -2.11 -7.65
N HIS C 126 -6.82 -3.15 -8.30
CA HIS C 126 -6.83 -3.30 -9.78
C HIS C 126 -7.56 -4.57 -10.22
N ILE C 127 -8.29 -4.44 -11.32
CA ILE C 127 -8.87 -5.55 -12.12
C ILE C 127 -8.08 -5.60 -13.42
N TYR C 128 -7.91 -6.79 -14.00
CA TYR C 128 -7.20 -6.97 -15.29
C TYR C 128 -8.22 -6.98 -16.44
N ALA C 129 -8.02 -6.05 -17.38
CA ALA C 129 -8.51 -6.18 -18.77
C ALA C 129 -7.58 -7.15 -19.48
N TYR C 130 -7.80 -7.38 -20.78
CA TYR C 130 -6.94 -8.23 -21.63
C TYR C 130 -5.48 -7.74 -21.55
N ASP C 131 -5.24 -6.44 -21.59
CA ASP C 131 -3.89 -5.91 -21.94
C ASP C 131 -3.23 -5.19 -20.77
N ALA C 132 -3.99 -4.75 -19.76
CA ALA C 132 -3.40 -4.10 -18.57
C ALA C 132 -4.46 -3.94 -17.48
N LYS C 133 -4.03 -3.44 -16.31
CA LYS C 133 -4.89 -3.39 -15.12
C LYS C 133 -5.56 -2.02 -15.08
N ILE C 134 -6.73 -1.99 -14.46
CA ILE C 134 -7.54 -0.75 -14.32
C ILE C 134 -7.89 -0.59 -12.84
N GLU C 135 -7.77 0.64 -12.36
CA GLU C 135 -8.12 1.04 -10.98
C GLU C 135 -9.63 0.84 -10.77
N ILE C 136 -10.02 -0.12 -9.92
CA ILE C 136 -11.45 -0.32 -9.53
C ILE C 136 -12.09 1.03 -9.16
N GLN C 137 -11.40 1.85 -8.38
CA GLN C 137 -11.84 3.23 -7.97
C GLN C 137 -12.36 3.98 -9.19
N THR C 138 -11.67 3.95 -10.34
CA THR C 138 -12.05 4.77 -11.53
C THR C 138 -13.31 4.19 -12.16
N LEU C 139 -13.50 2.86 -12.14
CA LEU C 139 -14.73 2.21 -12.66
C LEU C 139 -15.95 2.55 -11.78
N THR C 140 -15.86 2.37 -10.45
CA THR C 140 -16.97 2.67 -9.52
C THR C 140 -17.23 4.17 -9.47
N GLY C 141 -16.19 4.98 -9.65
CA GLY C 141 -16.28 6.45 -9.58
C GLY C 141 -17.20 7.03 -10.65
N LEU C 142 -17.36 6.34 -11.78
CA LEU C 142 -18.19 6.83 -12.90
C LEU C 142 -19.67 6.82 -12.51
N PHE C 143 -20.06 6.13 -11.44
CA PHE C 143 -21.47 6.03 -10.99
C PHE C 143 -21.72 6.76 -9.65
N LYS C 144 -20.67 7.34 -9.04
CA LYS C 144 -20.76 8.27 -7.87
C LYS C 144 -21.78 9.35 -8.21
N GLY C 145 -22.77 9.60 -7.35
CA GLY C 145 -23.84 10.60 -7.56
C GLY C 145 -23.40 11.83 -8.33
N ASP C 146 -22.23 12.40 -8.02
CA ASP C 146 -21.66 13.57 -8.73
C ASP C 146 -21.79 13.34 -10.24
N LYS C 147 -21.14 12.29 -10.75
CA LYS C 147 -20.83 12.03 -12.19
C LYS C 147 -22.03 11.44 -12.92
N CYS C 148 -22.99 10.81 -12.23
CA CYS C 148 -24.09 10.04 -12.86
C CYS C 148 -25.39 10.28 -12.08
N HIS C 149 -26.11 11.36 -12.43
CA HIS C 149 -27.25 11.90 -11.64
C HIS C 149 -28.38 10.88 -11.60
N SER C 150 -28.60 10.13 -12.69
CA SER C 150 -29.74 9.20 -12.84
C SER C 150 -29.68 8.06 -11.82
N LEU C 151 -28.54 7.84 -11.17
CA LEU C 151 -28.35 6.68 -10.25
C LEU C 151 -28.18 7.13 -8.80
N VAL C 152 -28.14 8.44 -8.53
CA VAL C 152 -28.16 8.99 -7.15
C VAL C 152 -29.31 8.34 -6.38
N GLY C 153 -29.05 7.82 -5.18
CA GLY C 153 -30.08 7.25 -4.27
C GLY C 153 -30.57 5.89 -4.73
N LYS C 154 -29.90 5.31 -5.73
CA LYS C 154 -30.23 3.97 -6.27
C LYS C 154 -29.07 3.03 -6.01
N PRO C 155 -29.35 1.75 -5.69
CA PRO C 155 -28.29 0.78 -5.45
C PRO C 155 -27.33 0.63 -6.64
N LYS C 156 -26.03 0.67 -6.39
CA LYS C 156 -24.99 0.31 -7.39
C LYS C 156 -24.24 -0.91 -6.89
N ILE C 157 -24.57 -2.11 -7.38
CA ILE C 157 -23.94 -3.40 -6.97
C ILE C 157 -22.79 -3.72 -7.92
N PHE C 158 -21.57 -3.84 -7.41
CA PHE C 158 -20.44 -4.49 -8.12
C PHE C 158 -20.15 -5.86 -7.50
N ILE C 159 -20.00 -6.85 -8.36
CA ILE C 159 -19.61 -8.24 -7.99
C ILE C 159 -18.27 -8.52 -8.67
N ILE C 160 -17.27 -8.89 -7.90
CA ILE C 160 -15.87 -9.03 -8.36
C ILE C 160 -15.38 -10.45 -8.06
N GLN C 161 -15.07 -11.21 -9.10
CA GLN C 161 -14.52 -12.58 -9.04
C GLN C 161 -13.15 -12.49 -9.67
N ALA C 162 -12.19 -11.97 -8.89
CA ALA C 162 -10.81 -11.71 -9.31
C ALA C 162 -9.83 -12.15 -8.23
N ALA C 163 -8.67 -12.65 -8.65
CA ALA C 163 -7.58 -13.08 -7.74
C ALA C 163 -6.28 -13.17 -8.53
N ARG C 164 -5.20 -13.64 -7.89
CA ARG C 164 -3.83 -13.73 -8.47
C ARG C 164 -3.75 -14.93 -9.43
N GLY C 165 -3.25 -14.70 -10.64
CA GLY C 165 -2.97 -15.74 -11.65
C GLY C 165 -2.02 -16.83 -11.14
N ASN C 166 -2.54 -18.05 -11.06
CA ASN C 166 -1.97 -19.31 -10.51
C ASN C 166 -0.49 -19.51 -10.91
N GLN C 167 -0.21 -19.90 -12.18
CA GLN C 167 1.11 -20.42 -12.66
C GLN C 167 1.59 -21.54 -11.72
N THR C 187 -11.16 -33.99 -16.59
CA THR C 187 -11.96 -33.14 -17.52
C THR C 187 -12.35 -31.83 -16.81
N ASN C 188 -13.07 -31.91 -15.68
CA ASN C 188 -13.47 -30.75 -14.83
C ASN C 188 -12.51 -30.66 -13.62
N ILE C 189 -11.38 -29.97 -13.76
CA ILE C 189 -10.39 -29.78 -12.66
C ILE C 189 -10.78 -28.52 -11.87
N THR C 190 -10.44 -28.49 -10.57
CA THR C 190 -10.62 -27.32 -9.67
C THR C 190 -9.29 -26.57 -9.55
N GLU C 191 -9.13 -25.41 -10.19
CA GLU C 191 -7.91 -24.55 -10.07
C GLU C 191 -8.13 -23.58 -8.90
N VAL C 192 -7.06 -23.23 -8.18
CA VAL C 192 -7.13 -22.45 -6.91
C VAL C 192 -6.15 -21.27 -6.96
N ASP C 193 -6.66 -20.05 -6.79
CA ASP C 193 -5.91 -18.77 -6.80
C ASP C 193 -5.92 -18.20 -5.39
N ALA C 194 -4.85 -17.49 -5.01
CA ALA C 194 -4.77 -16.74 -3.73
C ALA C 194 -5.57 -15.44 -3.85
N ALA C 195 -6.35 -15.08 -2.84
CA ALA C 195 -6.98 -13.74 -2.72
C ALA C 195 -5.93 -12.66 -2.98
N SER C 196 -6.27 -11.62 -3.74
CA SER C 196 -5.33 -10.53 -4.08
C SER C 196 -6.03 -9.17 -4.13
N VAL C 197 -7.34 -9.12 -4.44
CA VAL C 197 -8.06 -7.84 -4.67
C VAL C 197 -8.55 -7.31 -3.32
N TYR C 198 -8.17 -6.09 -2.97
CA TYR C 198 -8.59 -5.43 -1.71
C TYR C 198 -10.12 -5.40 -1.71
N THR C 199 -10.74 -5.73 -0.57
CA THR C 199 -12.21 -5.78 -0.41
C THR C 199 -12.72 -4.37 -0.11
N LEU C 200 -12.44 -3.45 -1.03
CA LEU C 200 -12.73 -1.99 -0.94
C LEU C 200 -14.23 -1.77 -0.77
N PRO C 201 -14.66 -0.74 -0.02
CA PRO C 201 -16.02 -0.20 -0.15
C PRO C 201 -16.01 0.77 -1.35
N ALA C 202 -17.11 1.40 -1.72
CA ALA C 202 -17.10 2.46 -2.76
C ALA C 202 -17.61 3.76 -2.15
N GLY C 203 -18.73 4.30 -2.63
CA GLY C 203 -19.42 5.42 -1.95
C GLY C 203 -20.81 5.06 -1.48
N ALA C 204 -21.58 6.08 -1.10
CA ALA C 204 -22.99 5.95 -0.71
C ALA C 204 -23.75 5.15 -1.76
N ASP C 205 -24.49 4.16 -1.28
CA ASP C 205 -25.49 3.38 -2.05
C ASP C 205 -24.77 2.40 -2.98
N PHE C 206 -23.49 2.15 -2.75
CA PHE C 206 -22.73 1.04 -3.37
C PHE C 206 -22.71 -0.19 -2.45
N LEU C 207 -22.86 -1.36 -3.06
CA LEU C 207 -22.63 -2.69 -2.45
C LEU C 207 -21.50 -3.38 -3.24
N MET C 208 -20.31 -3.46 -2.67
CA MET C 208 -19.16 -4.18 -3.29
C MET C 208 -19.16 -5.61 -2.77
N CYS C 209 -19.17 -6.60 -3.68
CA CYS C 209 -19.27 -8.05 -3.38
C CYS C 209 -18.02 -8.76 -3.91
N TYR C 210 -17.39 -9.60 -3.11
CA TYR C 210 -16.04 -10.14 -3.40
C TYR C 210 -16.02 -11.68 -3.25
N SER C 211 -15.51 -12.36 -4.28
CA SER C 211 -15.30 -13.83 -4.37
C SER C 211 -14.59 -14.38 -3.13
N VAL C 212 -13.68 -13.61 -2.54
CA VAL C 212 -12.71 -14.12 -1.52
C VAL C 212 -12.16 -12.94 -0.72
N ALA C 213 -11.96 -13.11 0.58
CA ALA C 213 -11.39 -12.07 1.47
C ALA C 213 -9.87 -12.29 1.63
N GLU C 214 -9.14 -11.34 2.22
CA GLU C 214 -7.67 -11.45 2.46
C GLU C 214 -7.34 -12.75 3.20
N GLY C 215 -6.25 -13.43 2.80
CA GLY C 215 -5.77 -14.64 3.48
C GLY C 215 -6.40 -15.92 2.95
N TYR C 216 -7.62 -15.86 2.42
CA TYR C 216 -8.33 -17.05 1.88
C TYR C 216 -7.95 -17.24 0.41
N TYR C 217 -8.67 -18.17 -0.27
CA TYR C 217 -8.33 -18.68 -1.63
C TYR C 217 -9.60 -18.80 -2.48
N SER C 218 -9.50 -18.42 -3.76
CA SER C 218 -10.60 -18.50 -4.75
C SER C 218 -10.47 -19.78 -5.58
N HIS C 219 -11.57 -20.52 -5.74
CA HIS C 219 -11.68 -21.80 -6.49
C HIS C 219 -12.47 -21.59 -7.78
N ARG C 220 -12.02 -22.17 -8.89
CA ARG C 220 -12.75 -22.25 -10.18
C ARG C 220 -12.69 -23.67 -10.77
N GLU C 221 -13.85 -24.31 -10.93
CA GLU C 221 -14.03 -25.59 -11.68
C GLU C 221 -13.99 -25.19 -13.16
N THR C 222 -13.28 -25.94 -14.02
CA THR C 222 -12.96 -25.54 -15.42
C THR C 222 -14.17 -25.74 -16.33
N VAL C 223 -15.25 -26.35 -15.84
CA VAL C 223 -16.51 -26.58 -16.61
C VAL C 223 -17.67 -25.94 -15.87
N ASN C 224 -17.73 -26.09 -14.54
CA ASN C 224 -18.87 -25.56 -13.72
C ASN C 224 -18.64 -24.08 -13.35
N GLY C 225 -17.38 -23.65 -13.30
CA GLY C 225 -16.99 -22.25 -13.03
C GLY C 225 -16.64 -22.00 -11.56
N SER C 226 -16.51 -20.73 -11.20
CA SER C 226 -16.06 -20.25 -9.87
C SER C 226 -17.04 -20.72 -8.78
N TRP C 227 -16.52 -21.11 -7.62
CA TRP C 227 -17.36 -21.52 -6.47
C TRP C 227 -18.27 -20.36 -6.07
N TYR C 228 -17.71 -19.15 -5.94
CA TYR C 228 -18.46 -17.93 -5.57
C TYR C 228 -19.69 -17.83 -6.45
N ILE C 229 -19.46 -17.83 -7.77
CA ILE C 229 -20.49 -17.52 -8.79
C ILE C 229 -21.52 -18.66 -8.81
N GLN C 230 -21.07 -19.91 -8.65
CA GLN C 230 -22.00 -21.06 -8.65
C GLN C 230 -23.00 -20.84 -7.51
N ASP C 231 -22.52 -20.58 -6.30
CA ASP C 231 -23.37 -20.48 -5.09
C ASP C 231 -24.17 -19.17 -5.14
N LEU C 232 -23.58 -18.09 -5.65
CA LEU C 232 -24.32 -16.82 -5.86
C LEU C 232 -25.53 -17.08 -6.75
N CYS C 233 -25.29 -17.66 -7.94
CA CYS C 233 -26.32 -17.94 -8.98
C CYS C 233 -27.37 -18.91 -8.43
N GLU C 234 -26.97 -19.95 -7.68
CA GLU C 234 -27.93 -20.90 -7.08
C GLU C 234 -28.86 -20.10 -6.18
N MET C 235 -28.31 -19.27 -5.29
CA MET C 235 -29.08 -18.49 -4.29
C MET C 235 -29.98 -17.48 -5.01
N LEU C 236 -29.46 -16.78 -6.02
CA LEU C 236 -30.27 -15.90 -6.91
C LEU C 236 -31.44 -16.71 -7.48
N GLY C 237 -31.14 -17.87 -8.07
CA GLY C 237 -32.13 -18.83 -8.59
C GLY C 237 -33.24 -19.10 -7.59
N LYS C 238 -32.91 -19.52 -6.37
CA LYS C 238 -33.94 -19.92 -5.38
C LYS C 238 -34.58 -18.69 -4.74
N TYR C 239 -33.83 -17.64 -4.43
CA TYR C 239 -34.27 -16.62 -3.44
C TYR C 239 -34.20 -15.18 -3.97
N GLY C 240 -33.54 -14.90 -5.11
CA GLY C 240 -33.36 -13.54 -5.64
C GLY C 240 -34.59 -12.66 -5.44
N SER C 241 -35.76 -13.17 -5.84
CA SER C 241 -37.02 -12.40 -5.93
C SER C 241 -37.64 -12.20 -4.54
N SER C 242 -37.42 -13.12 -3.60
CA SER C 242 -38.01 -13.04 -2.23
C SER C 242 -37.09 -12.25 -1.27
N LEU C 243 -35.83 -12.69 -1.09
CA LEU C 243 -34.93 -12.21 -0.01
C LEU C 243 -34.36 -10.84 -0.33
N GLU C 244 -34.00 -10.13 0.75
CA GLU C 244 -33.14 -8.91 0.74
C GLU C 244 -31.75 -9.32 0.29
N PHE C 245 -31.09 -8.51 -0.51
CA PHE C 245 -29.90 -8.95 -1.29
C PHE C 245 -28.73 -9.25 -0.35
N THR C 246 -28.52 -8.47 0.71
CA THR C 246 -27.39 -8.71 1.66
C THR C 246 -27.70 -9.97 2.49
N GLU C 247 -28.98 -10.26 2.77
CA GLU C 247 -29.38 -11.52 3.46
C GLU C 247 -28.89 -12.69 2.60
N LEU C 248 -29.07 -12.55 1.29
CA LEU C 248 -28.70 -13.55 0.26
C LEU C 248 -27.18 -13.65 0.20
N LEU C 249 -26.48 -12.53 0.06
CA LEU C 249 -25.00 -12.49 0.01
C LEU C 249 -24.43 -13.22 1.25
N THR C 250 -25.13 -13.09 2.39
CA THR C 250 -24.78 -13.77 3.65
C THR C 250 -24.94 -15.29 3.47
N LEU C 251 -26.04 -15.75 2.85
CA LEU C 251 -26.23 -17.18 2.51
C LEU C 251 -25.07 -17.65 1.64
N VAL C 252 -24.64 -16.84 0.67
CA VAL C 252 -23.53 -17.21 -0.25
C VAL C 252 -22.26 -17.41 0.59
N ASN C 253 -21.99 -16.53 1.55
CA ASN C 253 -20.85 -16.66 2.49
C ASN C 253 -20.92 -18.03 3.19
N ARG C 254 -22.08 -18.40 3.73
CA ARG C 254 -22.23 -19.70 4.43
C ARG C 254 -21.91 -20.80 3.42
N LYS C 255 -22.60 -20.81 2.27
CA LYS C 255 -22.48 -21.90 1.26
C LYS C 255 -21.02 -22.06 0.85
N VAL C 256 -20.32 -20.98 0.53
CA VAL C 256 -18.92 -21.06 0.03
C VAL C 256 -17.96 -21.45 1.16
N SER C 257 -18.18 -20.97 2.39
CA SER C 257 -17.28 -21.27 3.53
C SER C 257 -17.37 -22.77 3.84
N GLN C 258 -18.58 -23.31 3.71
CA GLN C 258 -18.91 -24.74 4.01
C GLN C 258 -18.36 -25.71 2.96
N ARG C 259 -17.98 -25.26 1.76
CA ARG C 259 -17.40 -26.18 0.75
C ARG C 259 -16.15 -26.84 1.35
N ARG C 260 -16.17 -28.17 1.45
CA ARG C 260 -15.07 -28.99 2.02
C ARG C 260 -13.83 -28.86 1.13
N VAL C 261 -12.66 -28.77 1.75
CA VAL C 261 -11.34 -28.60 1.08
C VAL C 261 -10.30 -29.51 1.78
N ASP C 262 -10.76 -30.64 2.36
CA ASP C 262 -9.94 -31.61 3.15
C ASP C 262 -9.43 -32.71 2.21
N PHE C 263 -10.29 -33.44 1.50
CA PHE C 263 -9.90 -34.56 0.59
C PHE C 263 -9.90 -34.05 -0.86
N CYS C 264 -8.74 -33.65 -1.39
CA CYS C 264 -8.56 -32.98 -2.71
C CYS C 264 -7.65 -33.81 -3.65
N LYS C 265 -7.97 -33.83 -4.95
CA LYS C 265 -7.21 -34.51 -6.04
C LYS C 265 -5.76 -34.02 -6.06
N ASP C 266 -5.56 -32.70 -6.06
CA ASP C 266 -4.25 -32.05 -5.88
C ASP C 266 -3.89 -32.10 -4.40
N PRO C 267 -2.71 -32.62 -4.00
CA PRO C 267 -2.30 -32.61 -2.59
C PRO C 267 -2.20 -31.21 -1.95
N SER C 268 -1.73 -30.22 -2.72
CA SER C 268 -1.32 -28.87 -2.25
C SER C 268 -2.48 -27.87 -2.27
N ALA C 269 -3.69 -28.31 -2.66
CA ALA C 269 -4.91 -27.49 -2.66
C ALA C 269 -5.66 -27.72 -1.32
N ILE C 270 -5.15 -28.60 -0.47
CA ILE C 270 -5.82 -29.01 0.82
C ILE C 270 -5.65 -27.86 1.82
N GLY C 271 -6.68 -27.56 2.61
CA GLY C 271 -6.63 -26.56 3.69
C GLY C 271 -6.67 -25.13 3.16
N LYS C 272 -6.99 -24.98 1.87
CA LYS C 272 -7.12 -23.66 1.19
C LYS C 272 -8.59 -23.26 1.21
N LYS C 273 -9.08 -22.66 2.31
CA LYS C 273 -10.53 -22.39 2.48
C LYS C 273 -10.89 -21.14 1.66
N GLN C 274 -12.15 -21.05 1.23
CA GLN C 274 -12.69 -19.84 0.54
C GLN C 274 -13.79 -19.25 1.40
N VAL C 275 -13.64 -17.98 1.78
CA VAL C 275 -14.68 -17.15 2.45
C VAL C 275 -14.80 -15.82 1.70
N PRO C 276 -15.94 -15.59 1.04
CA PRO C 276 -16.19 -14.33 0.35
C PRO C 276 -16.72 -13.31 1.36
N CYS C 277 -16.58 -12.03 1.08
CA CYS C 277 -17.19 -10.94 1.90
C CYS C 277 -18.00 -9.97 1.05
N PHE C 278 -18.59 -8.97 1.71
CA PHE C 278 -19.19 -7.81 1.04
C PHE C 278 -19.09 -6.57 1.90
N ALA C 279 -18.98 -5.42 1.24
CA ALA C 279 -18.88 -4.07 1.85
C ALA C 279 -20.11 -3.27 1.44
N SER C 280 -21.09 -3.17 2.37
CA SER C 280 -22.37 -2.41 2.20
C SER C 280 -22.10 -0.95 2.59
N MET C 281 -22.48 -0.02 1.70
CA MET C 281 -22.69 1.40 2.05
C MET C 281 -24.10 1.74 1.61
N LEU C 282 -24.93 0.70 1.51
CA LEU C 282 -26.39 0.85 1.29
C LEU C 282 -26.98 1.58 2.50
N THR C 283 -28.15 2.16 2.28
CA THR C 283 -28.83 3.02 3.25
C THR C 283 -30.27 2.53 3.45
N LYS C 284 -30.68 1.52 2.68
CA LYS C 284 -32.07 0.99 2.71
C LYS C 284 -31.98 -0.49 2.41
N LYS C 285 -33.10 -1.21 2.60
CA LYS C 285 -33.19 -2.64 2.21
C LYS C 285 -33.26 -2.72 0.69
N LEU C 286 -32.69 -3.77 0.10
CA LEU C 286 -32.63 -3.97 -1.38
C LEU C 286 -33.31 -5.29 -1.72
N HIS C 287 -34.47 -5.21 -2.39
CA HIS C 287 -35.26 -6.37 -2.84
C HIS C 287 -35.46 -6.33 -4.36
N PHE C 288 -35.41 -7.49 -4.99
CA PHE C 288 -35.61 -7.68 -6.45
C PHE C 288 -36.95 -8.40 -6.68
N PHE C 289 -38.01 -7.86 -6.10
CA PHE C 289 -39.38 -8.42 -6.26
C PHE C 289 -39.71 -8.44 -7.75
N PRO C 290 -40.56 -9.38 -8.23
CA PRO C 290 -40.94 -9.41 -9.63
C PRO C 290 -41.63 -8.07 -9.98
N LYS C 291 -41.31 -7.48 -11.13
CA LYS C 291 -41.95 -6.22 -11.59
C LYS C 291 -43.24 -6.57 -12.33
N SER C 292 -44.26 -5.70 -12.28
CA SER C 292 -45.55 -5.93 -12.98
C SER C 292 -45.47 -5.47 -14.45
N ASN C 293 -45.18 -6.41 -15.36
CA ASN C 293 -45.00 -6.16 -16.82
C ASN C 293 -46.32 -6.32 -17.60
N GLU C 294 -47.45 -6.63 -16.91
CA GLU C 294 -48.74 -7.12 -17.52
C GLU C 294 -49.44 -6.01 -18.33
N ASN C 295 -49.06 -5.86 -19.62
CA ASN C 295 -49.57 -4.85 -20.59
C ASN C 295 -48.90 -3.49 -20.30
N LEU C 296 -47.56 -3.45 -20.29
CA LEU C 296 -46.71 -2.22 -20.14
C LEU C 296 -45.49 -2.36 -21.06
N TYR C 297 -44.96 -1.23 -21.55
CA TYR C 297 -43.71 -1.11 -22.33
C TYR C 297 -42.52 -1.07 -21.33
N PHE C 298 -41.57 -2.01 -21.46
CA PHE C 298 -40.37 -2.18 -20.57
C PHE C 298 -39.06 -2.28 -21.39
N GLN C 299 -39.02 -1.71 -22.61
CA GLN C 299 -37.82 -1.55 -23.51
C GLN C 299 -37.51 -0.06 -23.69
N MET D 30 -31.40 -30.21 5.11
CA MET D 30 -32.18 -29.13 4.48
C MET D 30 -31.55 -27.77 4.82
N PHE D 31 -31.09 -27.05 3.79
CA PHE D 31 -30.53 -25.66 3.82
C PHE D 31 -31.65 -24.64 4.16
N ASP D 32 -31.32 -23.59 4.91
CA ASP D 32 -32.35 -22.67 5.46
C ASP D 32 -31.96 -21.21 5.23
N PRO D 33 -32.72 -20.47 4.40
CA PRO D 33 -32.43 -19.05 4.15
C PRO D 33 -32.59 -18.07 5.32
N ALA D 34 -33.29 -18.49 6.39
CA ALA D 34 -33.67 -17.62 7.53
C ALA D 34 -32.79 -17.94 8.75
N GLU D 35 -31.74 -18.75 8.55
CA GLU D 35 -30.95 -19.38 9.65
C GLU D 35 -30.23 -18.27 10.41
N LYS D 36 -30.27 -18.36 11.74
CA LYS D 36 -29.71 -17.37 12.70
C LYS D 36 -28.53 -18.00 13.46
N TYR D 37 -27.54 -17.19 13.82
CA TYR D 37 -26.54 -17.55 14.85
C TYR D 37 -27.33 -17.92 16.10
N LYS D 38 -26.91 -18.98 16.80
CA LYS D 38 -27.54 -19.40 18.07
C LYS D 38 -27.16 -18.37 19.16
N MET D 39 -28.16 -17.66 19.67
CA MET D 39 -27.99 -16.57 20.67
C MET D 39 -28.72 -16.97 21.95
N ASP D 40 -28.64 -18.25 22.32
CA ASP D 40 -29.33 -18.90 23.48
C ASP D 40 -28.29 -19.44 24.48
N HIS D 41 -27.02 -19.03 24.43
CA HIS D 41 -25.97 -19.39 25.43
C HIS D 41 -26.31 -18.71 26.76
N ARG D 42 -25.71 -19.14 27.88
CA ARG D 42 -26.12 -18.65 29.22
C ARG D 42 -25.94 -17.13 29.27
N ARG D 43 -24.77 -16.61 28.87
CA ARG D 43 -24.45 -15.15 28.86
C ARG D 43 -24.33 -14.69 27.40
N ARG D 44 -24.58 -13.40 27.14
CA ARG D 44 -24.46 -12.78 25.80
C ARG D 44 -23.00 -12.74 25.37
N GLY D 45 -22.13 -12.16 26.22
CA GLY D 45 -20.67 -12.13 26.00
C GLY D 45 -20.04 -10.82 26.43
N ILE D 46 -18.75 -10.66 26.14
CA ILE D 46 -17.99 -9.44 26.52
C ILE D 46 -18.07 -8.40 25.39
N ALA D 47 -18.28 -7.13 25.75
CA ALA D 47 -17.99 -5.96 24.89
C ALA D 47 -16.75 -5.27 25.43
N LEU D 48 -15.60 -5.40 24.76
CA LEU D 48 -14.39 -4.57 25.04
C LEU D 48 -14.60 -3.19 24.43
N ILE D 49 -14.16 -2.16 25.14
CA ILE D 49 -14.08 -0.76 24.63
C ILE D 49 -12.73 -0.17 25.02
N PHE D 50 -11.83 -0.05 24.05
CA PHE D 50 -10.56 0.69 24.17
C PHE D 50 -10.84 2.14 23.77
N ASN D 51 -10.69 3.05 24.73
CA ASN D 51 -11.13 4.46 24.57
C ASN D 51 -9.93 5.38 24.76
N HIS D 52 -9.46 6.01 23.69
CA HIS D 52 -8.23 6.86 23.65
C HIS D 52 -8.62 8.33 23.45
N GLU D 53 -8.25 9.18 24.41
CA GLU D 53 -8.58 10.62 24.48
C GLU D 53 -7.32 11.47 24.24
N ARG D 54 -6.19 11.06 24.82
CA ARG D 54 -4.87 11.72 24.69
C ARG D 54 -3.88 10.71 24.15
N PHE D 55 -2.73 11.21 23.70
CA PHE D 55 -1.62 10.41 23.14
C PHE D 55 -0.28 11.00 23.55
N PHE D 56 0.72 10.13 23.74
CA PHE D 56 2.14 10.48 23.89
C PHE D 56 2.50 11.72 23.05
N TRP D 57 3.21 12.68 23.63
CA TRP D 57 3.50 13.98 22.95
C TRP D 57 4.08 13.70 21.55
N HIS D 58 5.11 12.83 21.46
CA HIS D 58 6.02 12.69 20.29
C HIS D 58 5.34 11.95 19.13
N LEU D 59 4.01 11.74 19.20
CA LEU D 59 3.17 11.23 18.08
C LEU D 59 2.48 12.40 17.38
N THR D 60 2.36 13.55 18.04
CA THR D 60 1.67 14.77 17.53
C THR D 60 0.29 14.37 17.01
N LEU D 61 -0.55 13.85 17.90
CA LEU D 61 -1.98 13.54 17.63
C LEU D 61 -2.83 14.34 18.60
N PRO D 62 -3.93 14.96 18.15
CA PRO D 62 -4.78 15.75 19.03
C PRO D 62 -5.64 14.94 20.01
N GLU D 63 -5.91 15.54 21.17
CA GLU D 63 -6.97 15.12 22.12
C GLU D 63 -8.25 14.87 21.32
N ARG D 64 -8.90 13.74 21.59
CA ARG D 64 -10.21 13.40 21.02
C ARG D 64 -11.27 13.82 22.05
N ARG D 65 -11.46 15.12 22.23
CA ARG D 65 -12.45 15.65 23.23
C ARG D 65 -13.86 15.22 22.78
N GLY D 66 -14.56 14.44 23.60
CA GLY D 66 -15.90 13.91 23.31
C GLY D 66 -15.94 12.39 23.35
N THR D 67 -14.78 11.76 23.23
CA THR D 67 -14.70 10.28 23.12
C THR D 67 -15.34 9.66 24.36
N CYS D 68 -15.39 10.38 25.49
CA CYS D 68 -15.91 9.84 26.75
C CYS D 68 -17.44 9.68 26.63
N ALA D 69 -18.10 10.55 25.87
CA ALA D 69 -19.54 10.44 25.59
C ALA D 69 -19.81 9.16 24.79
N ASP D 70 -18.97 8.93 23.77
CA ASP D 70 -19.01 7.70 22.95
C ASP D 70 -18.91 6.50 23.90
N ARG D 71 -17.88 6.49 24.74
CA ARG D 71 -17.57 5.35 25.63
C ARG D 71 -18.79 5.06 26.50
N ASP D 72 -19.37 6.11 27.10
CA ASP D 72 -20.49 5.98 28.07
C ASP D 72 -21.75 5.52 27.32
N ASN D 73 -22.12 6.22 26.24
CA ASN D 73 -23.29 5.86 25.37
C ASN D 73 -23.19 4.38 24.96
N LEU D 74 -22.05 3.95 24.39
CA LEU D 74 -21.83 2.53 24.00
C LEU D 74 -22.04 1.64 25.23
N THR D 75 -21.36 1.96 26.33
CA THR D 75 -21.37 1.12 27.57
C THR D 75 -22.81 0.83 27.93
N ARG D 76 -23.66 1.87 27.96
CA ARG D 76 -25.08 1.72 28.32
C ARG D 76 -25.74 0.76 27.33
N ARG D 77 -25.68 1.07 26.04
CA ARG D 77 -26.51 0.38 25.01
C ARG D 77 -26.16 -1.10 24.94
N PHE D 78 -24.88 -1.43 25.13
CA PHE D 78 -24.38 -2.83 25.05
C PHE D 78 -24.77 -3.58 26.34
N SER D 79 -24.64 -2.93 27.50
CA SER D 79 -25.21 -3.41 28.79
C SER D 79 -26.65 -3.86 28.56
N ASP D 80 -27.49 -2.96 28.05
CA ASP D 80 -28.94 -3.20 27.85
C ASP D 80 -29.17 -4.43 26.95
N LEU D 81 -28.21 -4.83 26.13
CA LEU D 81 -28.39 -6.00 25.22
C LEU D 81 -27.82 -7.26 25.85
N GLY D 82 -27.27 -7.15 27.06
CA GLY D 82 -26.84 -8.31 27.85
C GLY D 82 -25.34 -8.45 27.90
N PHE D 83 -24.61 -7.46 27.39
CA PHE D 83 -23.14 -7.54 27.28
C PHE D 83 -22.50 -7.18 28.62
N GLU D 84 -21.48 -7.95 29.01
CA GLU D 84 -20.52 -7.61 30.10
C GLU D 84 -19.53 -6.59 29.50
N VAL D 85 -19.84 -5.30 29.60
CA VAL D 85 -19.01 -4.21 29.00
C VAL D 85 -17.75 -4.03 29.84
N LYS D 86 -16.58 -3.90 29.23
CA LYS D 86 -15.31 -3.65 29.96
C LYS D 86 -14.54 -2.57 29.21
N CYS D 87 -14.50 -1.34 29.74
CA CYS D 87 -13.81 -0.17 29.15
C CYS D 87 -12.36 -0.13 29.64
N PHE D 88 -11.49 0.54 28.87
CA PHE D 88 -10.05 0.72 29.18
C PHE D 88 -9.54 2.03 28.56
N ASN D 89 -9.27 2.99 29.44
CA ASN D 89 -8.92 4.38 29.04
C ASN D 89 -7.41 4.47 28.84
N ASP D 90 -7.01 4.89 27.64
CA ASP D 90 -5.66 5.35 27.25
C ASP D 90 -4.59 4.32 27.60
N LEU D 91 -4.82 3.05 27.28
CA LEU D 91 -3.79 2.00 27.48
C LEU D 91 -2.62 2.27 26.52
N LYS D 92 -1.40 1.91 26.94
CA LYS D 92 -0.22 1.85 26.05
C LYS D 92 -0.30 0.55 25.25
N ALA D 93 0.55 0.38 24.25
CA ALA D 93 0.45 -0.78 23.33
C ALA D 93 0.46 -2.06 24.16
N GLU D 94 1.49 -2.23 24.98
CA GLU D 94 1.70 -3.48 25.75
C GLU D 94 0.46 -3.75 26.61
N GLU D 95 -0.02 -2.76 27.36
CA GLU D 95 -1.19 -2.97 28.26
C GLU D 95 -2.37 -3.46 27.42
N LEU D 96 -2.63 -2.81 26.29
CA LEU D 96 -3.78 -3.11 25.39
C LEU D 96 -3.65 -4.53 24.88
N LEU D 97 -2.47 -4.88 24.35
CA LEU D 97 -2.23 -6.24 23.83
C LEU D 97 -2.45 -7.27 24.94
N LEU D 98 -1.91 -7.03 26.14
CA LEU D 98 -2.08 -7.94 27.30
C LEU D 98 -3.57 -8.11 27.56
N LYS D 99 -4.32 -7.01 27.64
CA LYS D 99 -5.76 -7.06 27.98
C LYS D 99 -6.50 -7.87 26.92
N ILE D 100 -6.24 -7.62 25.64
CA ILE D 100 -7.06 -8.24 24.57
C ILE D 100 -6.64 -9.71 24.44
N HIS D 101 -5.35 -10.02 24.62
CA HIS D 101 -4.84 -11.42 24.60
C HIS D 101 -5.48 -12.19 25.76
N GLU D 102 -5.49 -11.60 26.96
CA GLU D 102 -6.22 -12.14 28.13
C GLU D 102 -7.61 -12.55 27.66
N VAL D 103 -8.39 -11.60 27.17
CA VAL D 103 -9.82 -11.83 26.80
C VAL D 103 -9.89 -12.95 25.74
N SER D 104 -8.91 -13.05 24.85
CA SER D 104 -8.94 -14.04 23.75
C SER D 104 -8.76 -15.46 24.31
N THR D 105 -8.01 -15.63 25.41
CA THR D 105 -7.57 -16.96 25.92
C THR D 105 -8.51 -17.47 27.04
N VAL D 106 -9.17 -16.59 27.78
CA VAL D 106 -10.39 -16.93 28.57
C VAL D 106 -11.36 -17.70 27.66
N SER D 107 -12.17 -18.60 28.23
CA SER D 107 -13.22 -19.38 27.53
C SER D 107 -14.47 -18.52 27.34
N HIS D 108 -14.97 -18.44 26.10
CA HIS D 108 -16.28 -17.84 25.73
C HIS D 108 -17.30 -18.94 25.44
N ALA D 109 -17.03 -20.16 25.88
CA ALA D 109 -17.85 -21.36 25.57
C ALA D 109 -19.32 -21.08 25.88
N ASP D 110 -19.61 -20.34 26.98
CA ASP D 110 -20.99 -20.12 27.49
C ASP D 110 -21.54 -18.77 27.02
N ALA D 111 -21.03 -18.26 25.90
CA ALA D 111 -21.36 -16.90 25.38
C ALA D 111 -21.84 -16.94 23.92
N ASP D 112 -22.72 -16.00 23.58
CA ASP D 112 -23.35 -15.85 22.25
C ASP D 112 -22.33 -15.34 21.23
N CYS D 113 -21.54 -14.34 21.61
CA CYS D 113 -20.72 -13.56 20.66
C CYS D 113 -19.68 -12.72 21.41
N PHE D 114 -18.91 -11.93 20.65
CA PHE D 114 -17.86 -11.03 21.17
C PHE D 114 -17.88 -9.73 20.40
N VAL D 115 -17.81 -8.62 21.12
CA VAL D 115 -17.77 -7.23 20.57
C VAL D 115 -16.49 -6.59 21.07
N CYS D 116 -15.84 -5.83 20.21
CA CYS D 116 -14.63 -5.05 20.54
C CYS D 116 -14.76 -3.70 19.84
N VAL D 117 -14.53 -2.61 20.56
CA VAL D 117 -14.72 -1.23 20.02
C VAL D 117 -13.43 -0.42 20.21
N PHE D 118 -12.96 0.24 19.17
CA PHE D 118 -11.82 1.20 19.23
C PHE D 118 -12.36 2.59 18.98
N LEU D 119 -12.17 3.45 19.96
CA LEU D 119 -12.35 4.90 19.88
C LEU D 119 -10.94 5.50 19.99
N SER D 120 -10.33 5.79 18.85
CA SER D 120 -8.97 6.37 18.77
C SER D 120 -8.72 7.03 17.43
N HIS D 121 -7.46 7.31 17.15
CA HIS D 121 -6.93 7.65 15.82
C HIS D 121 -6.43 6.38 15.15
N GLY D 122 -6.37 6.37 13.82
CA GLY D 122 -5.85 5.26 13.01
C GLY D 122 -5.28 5.75 11.69
N GLU D 123 -4.63 4.86 10.96
CA GLU D 123 -3.98 5.10 9.66
C GLU D 123 -3.83 3.73 9.02
N GLY D 124 -4.28 3.56 7.77
CA GLY D 124 -4.09 2.31 7.00
C GLY D 124 -4.71 1.15 7.72
N ASN D 125 -3.92 0.16 8.11
CA ASN D 125 -4.41 -1.06 8.78
C ASN D 125 -4.01 -0.98 10.26
N HIS D 126 -3.88 0.24 10.80
CA HIS D 126 -3.43 0.50 12.19
C HIS D 126 -4.46 1.30 13.00
N ILE D 127 -4.58 0.97 14.27
CA ILE D 127 -5.27 1.75 15.33
C ILE D 127 -4.17 2.31 16.26
N TYR D 128 -4.39 3.47 16.85
CA TYR D 128 -3.42 4.09 17.80
C TYR D 128 -3.82 3.74 19.23
N ALA D 129 -2.90 3.10 19.95
CA ALA D 129 -2.84 3.11 21.43
C ALA D 129 -2.29 4.47 21.84
N TYR D 130 -2.10 4.69 23.14
CA TYR D 130 -1.49 5.92 23.70
C TYR D 130 -0.12 6.17 23.05
N ASP D 131 0.71 5.13 22.88
CA ASP D 131 2.16 5.35 22.67
C ASP D 131 2.60 4.91 21.27
N ALA D 132 1.84 4.07 20.57
CA ALA D 132 2.18 3.66 19.19
C ALA D 132 1.00 2.94 18.55
N LYS D 133 1.16 2.59 17.26
CA LYS D 133 0.05 2.03 16.45
C LYS D 133 0.14 0.52 16.53
N ILE D 134 -1.01 -0.13 16.39
CA ILE D 134 -1.13 -1.60 16.42
C ILE D 134 -1.88 -2.05 15.17
N GLU D 135 -1.38 -3.11 14.57
CA GLU D 135 -1.96 -3.75 13.37
C GLU D 135 -3.34 -4.31 13.74
N ILE D 136 -4.42 -3.75 13.20
CA ILE D 136 -5.81 -4.28 13.38
C ILE D 136 -5.81 -5.81 13.15
N GLN D 137 -5.14 -6.30 12.08
CA GLN D 137 -5.01 -7.73 11.75
C GLN D 137 -4.62 -8.53 13.01
N THR D 138 -3.66 -8.06 13.81
CA THR D 138 -3.15 -8.84 14.96
C THR D 138 -4.19 -8.85 16.07
N LEU D 139 -4.98 -7.79 16.26
CA LEU D 139 -6.07 -7.74 17.26
C LEU D 139 -7.21 -8.70 16.86
N THR D 140 -7.71 -8.62 15.62
CA THR D 140 -8.81 -9.50 15.14
C THR D 140 -8.32 -10.95 15.04
N GLY D 141 -7.03 -11.15 14.74
CA GLY D 141 -6.43 -12.48 14.57
C GLY D 141 -6.52 -13.32 15.84
N LEU D 142 -6.58 -12.68 17.01
CA LEU D 142 -6.59 -13.39 18.30
C LEU D 142 -7.92 -14.14 18.48
N PHE D 143 -8.94 -13.82 17.70
CA PHE D 143 -10.29 -14.44 17.80
C PHE D 143 -10.64 -15.32 16.57
N LYS D 144 -9.75 -15.37 15.56
CA LYS D 144 -9.82 -16.33 14.41
C LYS D 144 -10.00 -17.74 14.98
N GLY D 145 -11.00 -18.50 14.53
CA GLY D 145 -11.33 -19.84 15.05
C GLY D 145 -10.11 -20.65 15.48
N ASP D 146 -9.03 -20.65 14.69
CA ASP D 146 -7.76 -21.34 15.03
C ASP D 146 -7.41 -21.05 16.50
N LYS D 147 -7.18 -19.77 16.82
CA LYS D 147 -6.53 -19.27 18.07
C LYS D 147 -7.51 -19.23 19.25
N CYS D 148 -8.82 -19.21 19.03
CA CYS D 148 -9.84 -19.01 20.09
C CYS D 148 -11.06 -19.90 19.81
N HIS D 149 -10.99 -21.15 20.30
CA HIS D 149 -11.93 -22.24 19.93
C HIS D 149 -13.34 -21.89 20.42
N SER D 150 -13.48 -21.24 21.57
CA SER D 150 -14.78 -20.96 22.22
C SER D 150 -15.64 -20.03 21.37
N LEU D 151 -15.07 -19.33 20.38
CA LEU D 151 -15.81 -18.32 19.56
C LEU D 151 -15.99 -18.79 18.12
N VAL D 152 -15.42 -19.93 17.73
CA VAL D 152 -15.68 -20.55 16.40
C VAL D 152 -17.19 -20.62 16.17
N GLY D 153 -17.66 -20.16 15.00
CA GLY D 153 -19.08 -20.22 14.59
C GLY D 153 -19.95 -19.21 15.31
N LYS D 154 -19.32 -18.29 16.05
CA LYS D 154 -20.03 -17.23 16.81
C LYS D 154 -19.63 -15.88 16.24
N PRO D 155 -20.58 -14.92 16.15
CA PRO D 155 -20.27 -13.59 15.63
C PRO D 155 -19.15 -12.89 16.41
N LYS D 156 -18.17 -12.33 15.69
CA LYS D 156 -17.14 -11.44 16.29
C LYS D 156 -17.31 -10.05 15.65
N ILE D 157 -17.96 -9.12 16.35
CA ILE D 157 -18.21 -7.74 15.85
C ILE D 157 -17.08 -6.82 16.34
N PHE D 158 -16.36 -6.18 15.43
CA PHE D 158 -15.49 -5.02 15.74
C PHE D 158 -16.13 -3.74 15.21
N ILE D 159 -16.18 -2.72 16.06
CA ILE D 159 -16.63 -1.35 15.70
C ILE D 159 -15.44 -0.42 15.87
N ILE D 160 -15.09 0.31 14.82
CA ILE D 160 -13.86 1.14 14.75
C ILE D 160 -14.27 2.57 14.43
N GLN D 161 -13.99 3.49 15.36
CA GLN D 161 -14.23 4.95 15.22
C GLN D 161 -12.85 5.57 15.29
N ALA D 162 -12.13 5.49 14.17
CA ALA D 162 -10.73 5.95 14.03
C ALA D 162 -10.55 6.69 12.71
N ALA D 163 -9.72 7.73 12.74
CA ALA D 163 -9.38 8.54 11.54
C ALA D 163 -8.08 9.32 11.80
N ARG D 164 -7.67 10.17 10.87
CA ARG D 164 -6.39 10.92 10.90
C ARG D 164 -6.51 12.10 11.87
N GLY D 165 -5.57 12.24 12.79
CA GLY D 165 -5.46 13.39 13.72
C GLY D 165 -5.35 14.72 13.00
N ASN D 166 -6.34 15.58 13.19
CA ASN D 166 -6.57 16.89 12.52
C ASN D 166 -5.31 17.78 12.55
N GLN D 167 -4.94 18.34 13.71
CA GLN D 167 -3.91 19.40 13.91
C GLN D 167 -4.07 20.52 12.87
N THR D 187 -18.99 26.02 23.24
CA THR D 187 -18.86 24.92 24.23
C THR D 187 -18.76 23.56 23.50
N ASN D 188 -19.76 23.21 22.67
CA ASN D 188 -19.83 21.92 21.92
C ASN D 188 -19.46 22.20 20.45
N ILE D 189 -18.17 22.14 20.10
CA ILE D 189 -17.71 22.33 18.70
C ILE D 189 -17.69 20.98 17.98
N THR D 190 -17.87 20.98 16.66
CA THR D 190 -17.79 19.79 15.78
C THR D 190 -16.41 19.74 15.12
N GLU D 191 -15.50 18.85 15.55
CA GLU D 191 -14.16 18.66 14.91
C GLU D 191 -14.31 17.60 13.82
N VAL D 192 -13.53 17.72 12.74
CA VAL D 192 -13.67 16.87 11.51
C VAL D 192 -12.31 16.33 11.09
N ASP D 193 -12.20 14.99 11.00
CA ASP D 193 -10.99 14.23 10.61
C ASP D 193 -11.24 13.59 9.25
N ALA D 194 -10.20 13.44 8.43
CA ALA D 194 -10.25 12.70 7.15
C ALA D 194 -10.23 11.19 7.42
N ALA D 195 -11.07 10.42 6.73
CA ALA D 195 -10.99 8.93 6.71
C ALA D 195 -9.54 8.51 6.47
N SER D 196 -9.06 7.50 7.20
CA SER D 196 -7.66 7.01 7.07
C SER D 196 -7.57 5.49 7.24
N VAL D 197 -8.49 4.85 7.98
CA VAL D 197 -8.39 3.41 8.32
C VAL D 197 -9.01 2.60 7.19
N TYR D 198 -8.26 1.68 6.60
CA TYR D 198 -8.75 0.78 5.54
C TYR D 198 -9.96 0.02 6.10
N THR D 199 -11.04 -0.09 5.31
CA THR D 199 -12.30 -0.76 5.71
C THR D 199 -12.14 -2.27 5.48
N LEU D 200 -11.14 -2.86 6.14
CA LEU D 200 -10.72 -4.27 6.03
C LEU D 200 -11.88 -5.18 6.41
N PRO D 201 -12.01 -6.37 5.79
CA PRO D 201 -12.82 -7.45 6.35
C PRO D 201 -11.95 -8.16 7.40
N ALA D 202 -12.40 -9.21 8.08
CA ALA D 202 -11.50 -10.03 8.93
C ALA D 202 -11.52 -11.47 8.44
N GLY D 203 -11.97 -12.44 9.24
CA GLY D 203 -12.21 -13.81 8.77
C GLY D 203 -13.68 -14.21 8.85
N ALA D 204 -13.96 -15.49 8.68
CA ALA D 204 -15.29 -16.10 8.84
C ALA D 204 -15.89 -15.64 10.17
N ASP D 205 -17.13 -15.17 10.09
CA ASP D 205 -18.02 -14.89 11.25
C ASP D 205 -17.58 -13.59 11.93
N PHE D 206 -16.74 -12.79 11.26
CA PHE D 206 -16.45 -11.40 11.66
C PHE D 206 -17.34 -10.40 10.92
N LEU D 207 -17.80 -9.39 11.65
CA LEU D 207 -18.46 -8.17 11.10
C LEU D 207 -17.58 -6.96 11.49
N MET D 208 -16.86 -6.37 10.54
CA MET D 208 -16.07 -5.14 10.78
C MET D 208 -16.93 -3.94 10.43
N CYS D 209 -17.08 -3.00 11.37
CA CYS D 209 -17.94 -1.78 11.27
C CYS D 209 -17.08 -0.53 11.39
N TYR D 210 -17.25 0.43 10.48
CA TYR D 210 -16.32 1.57 10.31
C TYR D 210 -17.09 2.91 10.31
N SER D 211 -16.64 3.84 11.14
CA SER D 211 -17.13 5.24 11.27
C SER D 211 -17.27 5.94 9.92
N VAL D 212 -16.39 5.62 8.96
CA VAL D 212 -16.21 6.42 7.71
C VAL D 212 -15.53 5.56 6.67
N ALA D 213 -15.91 5.67 5.40
CA ALA D 213 -15.27 4.97 4.28
C ALA D 213 -14.24 5.88 3.60
N GLU D 214 -13.38 5.34 2.71
CA GLU D 214 -12.34 6.12 1.98
C GLU D 214 -12.96 7.32 1.27
N GLY D 215 -12.28 8.47 1.28
CA GLY D 215 -12.74 9.68 0.59
C GLY D 215 -13.63 10.57 1.44
N TYR D 216 -14.40 10.00 2.37
CA TYR D 216 -15.33 10.75 3.25
C TYR D 216 -14.57 11.23 4.51
N TYR D 217 -15.32 11.77 5.48
CA TYR D 217 -14.80 12.50 6.67
C TYR D 217 -15.56 12.10 7.94
N SER D 218 -14.84 11.94 9.06
CA SER D 218 -15.40 11.57 10.38
C SER D 218 -15.60 12.84 11.23
N HIS D 219 -16.77 12.99 11.84
CA HIS D 219 -17.18 14.13 12.69
C HIS D 219 -17.25 13.69 14.16
N ARG D 220 -16.76 14.53 15.08
CA ARG D 220 -16.93 14.38 16.55
C ARG D 220 -17.34 15.71 17.19
N GLU D 221 -18.52 15.74 17.83
CA GLU D 221 -18.98 16.85 18.71
C GLU D 221 -18.24 16.66 20.04
N THR D 222 -17.71 17.73 20.64
CA THR D 222 -16.76 17.65 21.78
C THR D 222 -17.49 17.35 23.09
N VAL D 223 -18.82 17.34 23.08
CA VAL D 223 -19.66 17.02 24.27
C VAL D 223 -20.57 15.83 23.93
N ASN D 224 -21.18 15.82 22.75
CA ASN D 224 -22.13 14.74 22.36
C ASN D 224 -21.40 13.52 21.78
N GLY D 225 -20.20 13.72 21.24
CA GLY D 225 -19.32 12.65 20.73
C GLY D 225 -19.44 12.46 19.22
N SER D 226 -18.86 11.37 18.71
CA SER D 226 -18.75 11.03 17.28
C SER D 226 -20.16 10.87 16.67
N TRP D 227 -20.34 11.34 15.44
CA TRP D 227 -21.62 11.21 14.71
C TRP D 227 -21.97 9.72 14.57
N TYR D 228 -20.99 8.91 14.12
CA TYR D 228 -21.17 7.45 13.94
C TYR D 228 -21.78 6.86 15.21
N ILE D 229 -21.12 7.11 16.33
CA ILE D 229 -21.44 6.44 17.62
C ILE D 229 -22.78 6.96 18.13
N GLN D 230 -23.07 8.25 17.93
CA GLN D 230 -24.35 8.84 18.37
C GLN D 230 -25.47 8.05 17.67
N ASP D 231 -25.40 7.93 16.35
CA ASP D 231 -26.47 7.34 15.53
C ASP D 231 -26.49 5.81 15.75
N LEU D 232 -25.32 5.18 15.89
CA LEU D 232 -25.23 3.75 16.24
C LEU D 232 -26.01 3.49 17.55
N CYS D 233 -25.65 4.22 18.61
CA CYS D 233 -26.24 4.09 19.96
C CYS D 233 -27.74 4.39 19.93
N GLU D 234 -28.18 5.42 19.20
CA GLU D 234 -29.61 5.75 19.06
C GLU D 234 -30.31 4.51 18.50
N MET D 235 -29.80 3.96 17.40
CA MET D 235 -30.42 2.81 16.69
C MET D 235 -30.40 1.58 17.58
N LEU D 236 -29.29 1.31 18.27
CA LEU D 236 -29.20 0.24 19.30
C LEU D 236 -30.32 0.46 20.33
N GLY D 237 -30.41 1.68 20.88
CA GLY D 237 -31.48 2.11 21.81
C GLY D 237 -32.85 1.73 21.32
N LYS D 238 -33.22 2.13 20.11
CA LYS D 238 -34.60 1.90 19.59
C LYS D 238 -34.77 0.45 19.13
N TYR D 239 -33.79 -0.14 18.46
CA TYR D 239 -34.01 -1.35 17.63
C TYR D 239 -33.07 -2.52 17.96
N GLY D 240 -32.01 -2.34 18.74
CA GLY D 240 -31.01 -3.39 19.05
C GLY D 240 -31.65 -4.76 19.22
N SER D 241 -32.69 -4.84 20.07
CA SER D 241 -33.32 -6.11 20.51
C SER D 241 -34.20 -6.69 19.41
N SER D 242 -34.80 -5.87 18.56
CA SER D 242 -35.76 -6.31 17.51
C SER D 242 -35.01 -6.66 16.20
N LEU D 243 -34.28 -5.71 15.60
CA LEU D 243 -33.70 -5.81 14.23
C LEU D 243 -32.48 -6.73 14.21
N GLU D 244 -32.25 -7.30 13.01
CA GLU D 244 -31.00 -7.97 12.59
C GLU D 244 -29.90 -6.91 12.54
N PHE D 245 -28.69 -7.25 12.95
CA PHE D 245 -27.66 -6.24 13.27
C PHE D 245 -27.20 -5.51 12.00
N THR D 246 -27.06 -6.20 10.86
CA THR D 246 -26.63 -5.55 9.59
C THR D 246 -27.76 -4.67 9.07
N GLU D 247 -29.03 -5.02 9.31
CA GLU D 247 -30.19 -4.18 8.94
C GLU D 247 -30.05 -2.84 9.67
N LEU D 248 -29.63 -2.93 10.93
CA LEU D 248 -29.43 -1.78 11.86
C LEU D 248 -28.25 -0.97 11.35
N LEU D 249 -27.11 -1.61 11.12
CA LEU D 249 -25.88 -0.93 10.62
C LEU D 249 -26.23 -0.15 9.35
N THR D 250 -27.14 -0.69 8.53
CA THR D 250 -27.65 -0.05 7.29
C THR D 250 -28.42 1.22 7.67
N LEU D 251 -29.30 1.17 8.68
CA LEU D 251 -30.00 2.36 9.22
C LEU D 251 -28.97 3.41 9.65
N VAL D 252 -27.89 2.99 10.31
CA VAL D 252 -26.83 3.92 10.78
C VAL D 252 -26.22 4.61 9.57
N ASN D 253 -25.93 3.88 8.50
CA ASN D 253 -25.43 4.45 7.23
C ASN D 253 -26.39 5.54 6.74
N ARG D 254 -27.69 5.27 6.69
CA ARG D 254 -28.67 6.28 6.22
C ARG D 254 -28.55 7.49 7.16
N LYS D 255 -28.70 7.29 8.47
CA LYS D 255 -28.75 8.38 9.46
C LYS D 255 -27.49 9.26 9.33
N VAL D 256 -26.31 8.65 9.26
CA VAL D 256 -25.03 9.42 9.22
C VAL D 256 -24.85 10.12 7.87
N SER D 257 -25.25 9.49 6.76
CA SER D 257 -25.08 10.07 5.40
C SER D 257 -25.97 11.30 5.29
N GLN D 258 -27.15 11.22 5.89
CA GLN D 258 -28.19 12.29 5.87
C GLN D 258 -27.82 13.50 6.75
N ARG D 259 -26.86 13.40 7.67
CA ARG D 259 -26.46 14.58 8.49
C ARG D 259 -25.99 15.68 7.53
N ARG D 260 -26.66 16.84 7.56
CA ARG D 260 -26.37 17.98 6.65
C ARG D 260 -25.02 18.57 7.04
N VAL D 261 -24.24 18.99 6.03
CA VAL D 261 -22.85 19.54 6.18
C VAL D 261 -22.70 20.78 5.27
N ASP D 262 -23.81 21.50 5.01
CA ASP D 262 -23.89 22.68 4.11
C ASP D 262 -23.63 23.97 4.92
N PHE D 263 -24.40 24.27 5.97
CA PHE D 263 -24.28 25.53 6.77
C PHE D 263 -23.52 25.21 8.06
N CYS D 264 -22.19 25.44 8.09
CA CYS D 264 -21.26 25.04 9.19
C CYS D 264 -20.56 26.24 9.83
N LYS D 265 -20.34 26.19 11.15
CA LYS D 265 -19.64 27.22 11.99
C LYS D 265 -18.25 27.51 11.40
N ASP D 266 -17.46 26.47 11.16
CA ASP D 266 -16.17 26.54 10.44
C ASP D 266 -16.48 26.62 8.95
N PRO D 267 -15.95 27.62 8.20
CA PRO D 267 -16.14 27.66 6.74
C PRO D 267 -15.63 26.43 5.98
N SER D 268 -14.49 25.86 6.41
CA SER D 268 -13.71 24.82 5.68
C SER D 268 -14.15 23.40 6.04
N ALA D 269 -15.17 23.26 6.89
CA ALA D 269 -15.77 21.95 7.25
C ALA D 269 -16.98 21.67 6.33
N ILE D 270 -17.32 22.61 5.43
CA ILE D 270 -18.50 22.53 4.53
C ILE D 270 -18.19 21.52 3.42
N GLY D 271 -19.15 20.69 3.03
CA GLY D 271 -19.02 19.75 1.90
C GLY D 271 -18.20 18.52 2.27
N LYS D 272 -17.92 18.34 3.57
CA LYS D 272 -17.17 17.19 4.12
C LYS D 272 -18.18 16.14 4.58
N LYS D 273 -18.68 15.28 3.69
CA LYS D 273 -19.79 14.35 4.03
C LYS D 273 -19.20 13.16 4.80
N GLN D 274 -20.00 12.51 5.65
CA GLN D 274 -19.63 11.26 6.36
C GLN D 274 -20.55 10.14 5.90
N VAL D 275 -19.98 9.06 5.39
CA VAL D 275 -20.68 7.79 5.05
C VAL D 275 -19.87 6.64 5.65
N PRO D 276 -20.44 5.95 6.66
CA PRO D 276 -19.79 4.80 7.27
C PRO D 276 -20.11 3.55 6.43
N CYS D 277 -19.26 2.53 6.52
CA CYS D 277 -19.53 1.21 5.87
C CYS D 277 -19.43 0.06 6.88
N PHE D 278 -19.69 -1.15 6.38
CA PHE D 278 -19.38 -2.39 7.11
C PHE D 278 -19.02 -3.52 6.16
N ALA D 279 -18.14 -4.41 6.63
CA ALA D 279 -17.63 -5.59 5.90
C ALA D 279 -18.10 -6.85 6.64
N SER D 280 -19.16 -7.49 6.13
CA SER D 280 -19.76 -8.74 6.66
C SER D 280 -19.00 -9.94 6.08
N MET D 281 -18.56 -10.84 6.95
CA MET D 281 -18.18 -12.23 6.58
C MET D 281 -18.99 -13.14 7.48
N LEU D 282 -20.12 -12.61 7.97
CA LEU D 282 -21.14 -13.40 8.69
C LEU D 282 -21.71 -14.42 7.71
N THR D 283 -22.29 -15.47 8.26
CA THR D 283 -22.79 -16.65 7.52
C THR D 283 -24.24 -16.91 7.93
N LYS D 284 -24.78 -16.14 8.87
CA LYS D 284 -26.16 -16.34 9.40
C LYS D 284 -26.68 -14.97 9.80
N LYS D 285 -27.98 -14.87 10.12
CA LYS D 285 -28.60 -13.64 10.64
C LYS D 285 -28.14 -13.46 12.09
N LEU D 286 -27.97 -12.21 12.52
CA LEU D 286 -27.49 -11.86 13.88
C LEU D 286 -28.54 -11.00 14.57
N HIS D 287 -29.18 -11.54 15.60
CA HIS D 287 -30.21 -10.85 16.43
C HIS D 287 -29.78 -10.86 17.90
N PHE D 288 -30.06 -9.75 18.58
CA PHE D 288 -29.77 -9.54 20.02
C PHE D 288 -31.11 -9.51 20.77
N PHE D 289 -31.93 -10.54 20.57
CA PHE D 289 -33.24 -10.67 21.26
C PHE D 289 -32.97 -10.66 22.76
N PRO D 290 -33.92 -10.20 23.60
CA PRO D 290 -33.71 -10.19 25.04
C PRO D 290 -33.50 -11.64 25.50
N LYS D 291 -32.54 -11.88 26.39
CA LYS D 291 -32.31 -13.25 26.96
C LYS D 291 -33.24 -13.41 28.17
N SER D 292 -33.73 -14.62 28.45
CA SER D 292 -34.72 -14.87 29.52
C SER D 292 -34.03 -15.06 30.88
N ASN D 293 -33.91 -13.95 31.64
CA ASN D 293 -33.30 -13.85 32.99
C ASN D 293 -34.40 -13.77 34.05
N1 XLW E . 8.42 4.81 -0.83
N1 XLW E . 8.13 -0.44 -1.89
N3 XLW E . 5.75 2.73 -0.35
N3 XLW E . 5.98 0.67 -1.36
C4 XLW E . 7.09 6.78 -1.35
C4 XLW E . 9.47 -2.52 -1.66
C5 XLW E . 5.80 7.35 -1.44
C5 XLW E . 8.77 -3.61 -1.13
C6 XLW E . 5.52 8.39 -2.33
C6 XLW E . 9.37 -4.51 -0.25
C7 XLW E . 7.26 5.63 -0.38
C7 XLW E . 8.70 -1.61 -2.60
C8 XLW E . 8.65 3.49 -1.31
C8 XLW E . 8.76 0.83 -1.83
C10 XLW E . 9.92 1.17 -2.32
C10 XLW E . 9.96 3.36 -1.71
C13 XLW E . 6.52 1.91 -1.06
C13 XLW E . 6.60 1.81 -1.02
C15 XLW E . 4.70 0.34 -1.18
C15 XLW E . 4.55 2.55 0.03
C1 XLW E . 6.54 8.88 -3.13
C1 XLW E . 10.71 -4.32 0.09
C2 XLW E . 7.84 8.35 -3.07
C2 XLW E . 11.45 -3.26 -0.42
C3 XLW E . 8.12 7.30 -2.18
C3 XLW E . 10.84 -2.34 -1.30
F XLW E . 6.25 9.88 -3.96
F XLW E . 11.26 -5.22 0.93
O XLW E . 9.40 6.79 -2.14
O XLW E . 11.56 -1.30 -1.79
N2 XLW E . 9.93 3.45 -1.70
N2 XLW E . 10.04 1.00 -2.16
C9 XLW E . 10.56 2.38 -2.19
C9 XLW E . 10.63 2.20 -2.11
C11 XLW E . 8.59 1.11 -1.92
C11 XLW E . 8.61 3.25 -1.35
C12 XLW E . 7.93 2.23 -1.41
C12 XLW E . 8.02 1.98 -1.40
C14 XLW E . 4.51 2.37 -0.06
C14 XLW E . 4.71 0.48 -1.04
N4 XLW E . 3.97 1.21 -0.47
N4 XLW E . 4.00 1.39 -0.36
C16 XLW E . 6.00 0.66 -1.49
C16 XLW E . 5.89 2.80 -0.30
N1 XLW F . -9.11 -0.10 0.96
N1 XLW F . -6.18 -4.50 2.24
N3 XLW F . -5.59 -0.59 0.34
N3 XLW F . -4.79 -2.41 1.53
C4 XLW F . -8.91 2.43 1.51
C4 XLW F . -6.22 -6.99 1.77
C5 XLW F . -7.95 3.47 1.53
C5 XLW F . -4.95 -7.38 1.36
C6 XLW F . -8.04 4.57 2.39
C6 XLW F . -4.76 -8.37 0.41
C7 XLW F . -8.64 1.26 0.53
C7 XLW F . -6.25 -5.87 2.82
C8 XLW F . -8.56 -1.36 1.34
C8 XLW F . -7.31 -3.67 2.04
C10 XLW F . -8.49 -4.04 2.30
C10 XLW F . -9.59 -2.10 1.66
C13 XLW F . -5.87 -1.68 1.08
C13 XLW F . -5.88 -1.79 1.07
C15 XLW F . -3.50 -2.14 1.24
C15 XLW F . -4.46 -0.20 -0.09
C1 XLW F . -9.13 4.66 3.24
C1 XLW F . -5.88 -9.00 -0.11
C2 XLW F . -10.10 3.67 3.26
C2 XLW F . -7.16 -8.65 0.29
C3 XLW F . -10.02 2.57 2.40
C3 XLW F . -7.36 -7.64 1.23
F XLW F . -9.25 5.71 4.08
F XLW F . -5.74 -9.98 -1.03
O XLW F . -11.06 1.68 2.49
O XLW F . -8.67 -7.39 1.56
N2 XLW F . -9.62 -2.05 1.73
N2 XLW F . -8.53 -4.12 2.38
C9 XLW F . -9.64 -3.30 2.18
C9 XLW F . -9.63 -3.38 2.21
C11 XLW F . -7.30 -3.43 1.91
C11 XLW F . -8.37 -1.56 1.28
C12 XLW F . -7.27 -2.09 1.42
C12 XLW F . -7.21 -2.35 1.47
C14 XLW F . -4.33 -0.30 0.06
C14 XLW F . -3.58 -1.95 1.19
N4 XLW F . -3.31 -1.04 0.49
N4 XLW F . -3.42 -0.88 0.41
C16 XLW F . -4.80 -2.50 1.54
C16 XLW F . -5.74 -0.64 0.24
#